data_8C9D
#
_entry.id   8C9D
#
_cell.length_a   108.220
_cell.length_b   108.220
_cell.length_c   240.440
_cell.angle_alpha   90.000
_cell.angle_beta   90.000
_cell.angle_gamma   90.000
#
_symmetry.space_group_name_H-M   'P 43 21 2'
#
loop_
_entity.id
_entity.type
_entity.pdbx_description
1 polymer 'Isoleucine--tRNA ligase'
2 non-polymer 'ZINC ION'
3 non-polymer "N-[ISOLEUCINYL]-N'-[ADENOSYL]-DIAMINOSUFONE"
4 non-polymer 'D(-)-TARTARIC ACID'
5 water water
#
_entity_poly.entity_id   1
_entity_poly.type   'polypeptide(L)'
_entity_poly.pdbx_seq_one_letter_code
;MKEVNVRESSQEREQRIQQQWQKGNVFQQSVQNREGYPSFVFYEGPPTANGLPHVGHALGRTIKDVVARYKTMTGHQVIR
KAGWDTHGLPVELGVEKQLGISGKHDIEKYGVEAFINKCKESVFVYEKQQRTFTEQLGYWVDMEDPYITLENSYIESVWN
VLGTIHDKGLLYKGHRVSPYCPSCQTSLSSHEVAQGYKDVKDLTVTVKFKVKNRDNEYFLGWTTTPWTLPSNVALAVHEE
MSYVRAEQGDSVYIVAEALADKVLKGEYSVLSHHKGNELKGMSYEPPFNFVKVEKGHEVVTADYVTDQSGTGVVHLAPAY
GEDDYRVVKENGFSFVNVVDEKGQYTSEVPPFQGRFVKDCDVDIVRYLANQDVLYHKEKHEHSYPFCWRCDSPLLYYANE
SWFIQTTALKEQFLKNNESVKWYPDHIKHGRFGKFLENMVDWNISRKRYWGTPLNVWECEGCQHQVAPKSIKELQKHASH
YVDDSIELHKPYVDDVQLTCPVCSGEMKRTPEVIDVWFDSGSMPFAQYHYPFENSELFQKQFPADVIAEGIDQTRGWFYS
LMAVSTLFTGKAPYKRVLSLGHVLDENGQKMSKSKGNALDPVDLIHTFGADALRWALLADSAPWNPKKFSERVVQEAKSK
VIDTLVNVYGFYVLYAKLDGYDPEQTYELKKTKLDEWILSRLHSTVKRATVHLEDYGFTSAAREIAVFIEELSNWYVRRS
RDRFWSEGMDGEKAAAYDTLHEVLVTLSQLLAPFTPFVADDVHENLTGKSVHLADYPACDQTKVNEKLEKEMAAVLQVVE
LGRSIRNTHSLKVKQPLQSLSLVVTEEDVEWKAYRDVIKDELNVKNFNVEQDDDKLVSYVLKLDFKQAGPKFGKQVNEVN
QALKNLSEEKGKEFVEQGKLSVTLASGENLTLETEDVLVEKVPKEGFAVASNGMYTAVLDTALTEELVQEGVAREVIRAV
QDYRKKLDLPVNSRINLELSGDEEVQKAVAKFETLLQENLLLHSLSVKETIKNGETVKVGTKQVVLRVLNQS
;
_entity_poly.pdbx_strand_id   A
#
# COMPACT_ATOMS: atom_id res chain seq x y z
N MET A 1 39.41 7.27 7.47
CA MET A 1 37.95 7.09 7.47
C MET A 1 37.49 6.14 6.36
N LYS A 2 37.42 6.67 5.14
CA LYS A 2 36.96 5.87 4.00
C LYS A 2 37.83 4.64 3.82
N GLU A 3 37.20 3.46 3.73
CA GLU A 3 38.01 2.26 3.57
C GLU A 3 38.14 1.81 2.11
N VAL A 4 37.07 1.24 1.56
CA VAL A 4 36.98 0.90 0.14
C VAL A 4 35.58 0.36 -0.13
N ASN A 5 35.10 0.47 -1.37
CA ASN A 5 33.95 -0.29 -1.84
C ASN A 5 34.42 -1.49 -2.63
N VAL A 6 33.80 -2.65 -2.38
CA VAL A 6 34.24 -3.92 -2.95
C VAL A 6 33.10 -4.50 -3.80
N ARG A 7 33.44 -5.49 -4.62
CA ARG A 7 32.45 -6.21 -5.41
C ARG A 7 31.64 -7.13 -4.50
N GLU A 8 30.52 -6.64 -3.99
CA GLU A 8 29.68 -7.41 -3.09
C GLU A 8 28.23 -7.30 -3.52
N SER A 9 27.50 -8.40 -3.37
CA SER A 9 26.07 -8.39 -3.65
C SER A 9 25.33 -7.57 -2.61
N SER A 10 24.07 -7.22 -2.94
CA SER A 10 23.24 -6.49 -2.01
C SER A 10 23.10 -7.25 -0.70
N GLN A 11 22.91 -8.57 -0.78
CA GLN A 11 22.75 -9.38 0.41
C GLN A 11 23.99 -9.34 1.29
N GLU A 12 25.18 -9.45 0.67
CA GLU A 12 26.42 -9.42 1.44
C GLU A 12 26.59 -8.09 2.16
N ARG A 13 26.33 -6.98 1.46
CA ARG A 13 26.40 -5.66 2.07
C ARG A 13 25.44 -5.55 3.25
N GLU A 14 24.19 -5.95 3.05
CA GLU A 14 23.21 -5.82 4.12
C GLU A 14 23.53 -6.73 5.30
N GLN A 15 24.10 -7.92 5.06
CA GLN A 15 24.52 -8.79 6.15
C GLN A 15 25.67 -8.17 6.94
N ARG A 16 26.64 -7.59 6.24
CA ARG A 16 27.73 -6.91 6.92
C ARG A 16 27.22 -5.77 7.79
N ILE A 17 26.29 -4.97 7.26
CA ILE A 17 25.73 -3.85 8.02
C ILE A 17 24.95 -4.36 9.22
N GLN A 18 24.19 -5.45 9.04
CA GLN A 18 23.44 -6.03 10.14
C GLN A 18 24.38 -6.49 11.25
N GLN A 19 25.49 -7.12 10.89
CA GLN A 19 26.46 -7.52 11.89
C GLN A 19 27.06 -6.31 12.60
N GLN A 20 27.33 -5.23 11.86
CA GLN A 20 27.77 -4.00 12.51
C GLN A 20 26.76 -3.52 13.53
N TRP A 21 25.47 -3.56 13.17
CA TRP A 21 24.41 -3.15 14.10
C TRP A 21 24.39 -4.03 15.34
N GLN A 22 24.62 -5.34 15.16
CA GLN A 22 24.62 -6.25 16.30
C GLN A 22 25.79 -5.97 17.23
N LYS A 23 27.01 -5.90 16.67
CA LYS A 23 28.19 -5.71 17.51
C LYS A 23 28.16 -4.38 18.26
N GLY A 24 27.48 -3.37 17.71
CA GLY A 24 27.42 -2.07 18.32
C GLY A 24 26.17 -1.77 19.12
N ASN A 25 25.19 -2.69 19.13
CA ASN A 25 23.90 -2.46 19.78
C ASN A 25 23.29 -1.15 19.31
N VAL A 26 23.32 -0.94 17.99
CA VAL A 26 23.00 0.38 17.44
C VAL A 26 21.53 0.73 17.66
N PHE A 27 20.63 -0.24 17.49
CA PHE A 27 19.22 0.02 17.75
C PHE A 27 18.98 0.42 19.21
N GLN A 28 19.54 -0.38 20.12
CA GLN A 28 19.47 -0.05 21.54
C GLN A 28 20.04 1.34 21.81
N GLN A 29 21.17 1.66 21.19
CA GLN A 29 21.80 2.96 21.41
C GLN A 29 20.98 4.10 20.83
N SER A 30 20.32 3.89 19.70
CA SER A 30 19.48 4.94 19.14
C SER A 30 18.28 5.19 20.05
N VAL A 31 17.87 4.21 20.84
CA VAL A 31 16.83 4.49 21.82
C VAL A 31 17.42 5.18 23.06
N GLN A 32 18.53 4.64 23.59
CA GLN A 32 19.06 5.13 24.86
C GLN A 32 19.64 6.54 24.75
N ASN A 33 20.25 6.88 23.61
CA ASN A 33 20.82 8.20 23.42
C ASN A 33 19.78 9.31 23.40
N ARG A 34 18.50 8.96 23.28
CA ARG A 34 17.42 9.94 23.31
C ARG A 34 16.73 10.00 24.66
N GLU A 35 17.33 9.43 25.70
CA GLU A 35 16.78 9.59 27.05
C GLU A 35 16.78 11.06 27.43
N GLY A 36 15.67 11.53 27.97
CA GLY A 36 15.49 12.93 28.29
C GLY A 36 14.97 13.77 27.14
N TYR A 37 15.04 13.27 25.91
CA TYR A 37 14.44 13.93 24.76
C TYR A 37 12.94 13.69 24.77
N PRO A 38 12.16 14.51 24.05
CA PRO A 38 10.71 14.31 24.03
C PRO A 38 10.34 12.93 23.49
N SER A 39 9.23 12.40 24.00
CA SER A 39 8.79 11.07 23.63
C SER A 39 7.94 11.10 22.38
N PHE A 40 8.15 10.09 21.52
CA PHE A 40 7.22 9.78 20.44
C PHE A 40 6.78 8.33 20.67
N VAL A 41 5.52 8.15 21.03
CA VAL A 41 5.04 6.86 21.51
C VAL A 41 4.45 6.09 20.34
N PHE A 42 4.97 4.88 20.13
CA PHE A 42 4.60 4.04 19.01
C PHE A 42 4.19 2.67 19.52
N TYR A 43 3.04 2.18 19.07
CA TYR A 43 2.56 0.85 19.40
C TYR A 43 2.71 -0.06 18.18
N GLU A 44 3.33 -1.23 18.39
CA GLU A 44 3.50 -2.22 17.34
C GLU A 44 2.26 -3.11 17.30
N GLY A 45 1.56 -3.13 16.16
CA GLY A 45 0.49 -4.07 15.96
C GLY A 45 1.05 -5.48 15.85
N PRO A 46 0.56 -6.39 16.68
CA PRO A 46 1.18 -7.73 16.76
C PRO A 46 0.74 -8.62 15.60
N PRO A 47 1.66 -9.02 14.74
CA PRO A 47 1.29 -9.94 13.65
C PRO A 47 0.85 -11.28 14.19
N THR A 48 -0.12 -11.90 13.51
CA THR A 48 -0.58 -13.22 13.89
C THR A 48 0.49 -14.26 13.57
N ALA A 49 0.75 -15.17 14.51
CA ALA A 49 1.77 -16.20 14.30
C ALA A 49 1.13 -17.49 13.76
N ASN A 50 0.58 -17.39 12.55
CA ASN A 50 -0.14 -18.51 11.94
C ASN A 50 0.24 -18.76 10.49
N GLY A 51 1.30 -18.12 9.98
CA GLY A 51 1.65 -18.26 8.59
C GLY A 51 2.95 -17.55 8.30
N LEU A 52 3.37 -17.64 7.04
CA LEU A 52 4.62 -17.05 6.59
C LEU A 52 4.35 -15.67 6.00
N PRO A 53 5.19 -14.68 6.31
CA PRO A 53 4.98 -13.34 5.76
C PRO A 53 5.05 -13.34 4.25
N HIS A 54 4.18 -12.56 3.62
CA HIS A 54 4.23 -12.28 2.20
C HIS A 54 4.58 -10.81 2.00
N VAL A 55 4.72 -10.41 0.73
CA VAL A 55 5.27 -9.09 0.45
C VAL A 55 4.38 -7.98 1.01
N GLY A 56 3.07 -8.23 1.09
CA GLY A 56 2.17 -7.24 1.69
C GLY A 56 2.57 -6.89 3.11
N HIS A 57 2.98 -7.88 3.89
CA HIS A 57 3.39 -7.64 5.27
C HIS A 57 4.65 -6.82 5.38
N ALA A 58 5.37 -6.62 4.27
CA ALA A 58 6.53 -5.73 4.31
C ALA A 58 6.12 -4.25 4.28
N LEU A 59 4.89 -3.93 3.86
CA LEU A 59 4.50 -2.53 3.74
C LEU A 59 4.47 -1.85 5.10
N GLY A 60 3.62 -2.34 6.00
CA GLY A 60 3.50 -1.71 7.32
C GLY A 60 4.82 -1.67 8.05
N ARG A 61 5.52 -2.81 8.10
CA ARG A 61 6.83 -2.86 8.75
C ARG A 61 7.74 -1.78 8.20
N THR A 62 7.71 -1.57 6.87
CA THR A 62 8.56 -0.52 6.29
C THR A 62 8.12 0.85 6.79
N ILE A 63 6.82 1.13 6.72
CA ILE A 63 6.34 2.47 7.05
C ILE A 63 6.58 2.77 8.53
N LYS A 64 6.20 1.84 9.40
CA LYS A 64 6.51 1.98 10.80
C LYS A 64 7.99 2.28 10.98
N ASP A 65 8.84 1.50 10.32
CA ASP A 65 10.28 1.70 10.51
C ASP A 65 10.66 3.12 10.10
N VAL A 66 10.18 3.56 8.95
CA VAL A 66 10.53 4.91 8.49
C VAL A 66 10.15 5.90 9.57
N VAL A 67 8.91 5.80 10.05
CA VAL A 67 8.44 6.77 11.05
C VAL A 67 9.36 6.75 12.25
N ALA A 68 9.61 5.55 12.78
CA ALA A 68 10.41 5.47 14.00
C ALA A 68 11.79 6.06 13.75
N ARG A 69 12.43 5.64 12.65
CA ARG A 69 13.77 6.12 12.40
C ARG A 69 13.75 7.63 12.24
N TYR A 70 12.78 8.13 11.48
CA TYR A 70 12.68 9.56 11.26
C TYR A 70 12.46 10.28 12.58
N LYS A 71 11.55 9.77 13.41
CA LYS A 71 11.26 10.48 14.65
C LYS A 71 12.44 10.40 15.59
N THR A 72 13.28 9.37 15.46
CA THR A 72 14.48 9.33 16.28
C THR A 72 15.48 10.38 15.82
N MET A 73 15.59 10.58 14.50
CA MET A 73 16.57 11.54 14.02
C MET A 73 16.14 12.98 14.22
N THR A 74 14.85 13.26 14.35
CA THR A 74 14.37 14.61 14.62
C THR A 74 14.28 14.92 16.12
N GLY A 75 14.90 14.10 16.97
CA GLY A 75 15.02 14.42 18.38
C GLY A 75 13.93 13.87 19.28
N HIS A 76 13.42 12.68 19.01
CA HIS A 76 12.45 12.03 19.88
C HIS A 76 13.00 10.70 20.34
N GLN A 77 12.53 10.23 21.49
CA GLN A 77 12.80 8.87 21.93
C GLN A 77 11.63 7.99 21.49
N VAL A 78 11.92 6.99 20.67
CA VAL A 78 10.90 6.11 20.13
C VAL A 78 11.20 4.71 20.68
N ILE A 79 10.45 4.32 21.70
CA ILE A 79 10.54 2.95 22.22
C ILE A 79 9.74 2.03 21.30
N ARG A 80 10.33 0.90 20.94
CA ARG A 80 9.72 -0.03 19.99
C ARG A 80 9.78 -1.44 20.56
N LYS A 81 8.66 -1.90 21.12
CA LYS A 81 8.54 -3.24 21.67
C LYS A 81 7.69 -4.09 20.72
N ALA A 82 8.25 -5.21 20.29
CA ALA A 82 7.51 -6.04 19.34
C ALA A 82 6.43 -6.86 20.06
N GLY A 83 5.52 -7.41 19.27
CA GLY A 83 4.46 -8.24 19.81
C GLY A 83 4.06 -9.30 18.82
N TRP A 84 3.53 -10.41 19.35
CA TRP A 84 3.02 -11.51 18.53
C TRP A 84 1.61 -11.86 18.99
N ASP A 85 0.71 -12.00 18.03
CA ASP A 85 -0.69 -12.39 18.27
C ASP A 85 -0.79 -13.90 18.13
N THR A 86 -1.10 -14.59 19.24
CA THR A 86 -0.93 -16.04 19.27
C THR A 86 -2.20 -16.85 19.55
N HIS A 87 -3.33 -16.22 19.81
CA HIS A 87 -4.54 -16.92 20.21
C HIS A 87 -5.55 -16.97 19.07
N GLY A 88 -6.67 -17.67 19.33
CA GLY A 88 -7.87 -17.52 18.53
C GLY A 88 -7.99 -18.46 17.35
N LEU A 89 -9.13 -18.34 16.67
CA LEU A 89 -9.39 -19.11 15.46
C LEU A 89 -8.28 -19.01 14.41
N PRO A 90 -7.66 -17.84 14.17
CA PRO A 90 -6.57 -17.77 13.17
C PRO A 90 -5.44 -18.75 13.41
N VAL A 91 -5.21 -19.17 14.65
CA VAL A 91 -4.22 -20.20 14.96
C VAL A 91 -4.86 -21.58 15.05
N GLU A 92 -6.04 -21.65 15.68
CA GLU A 92 -6.68 -22.94 15.94
C GLU A 92 -6.97 -23.69 14.64
N LEU A 93 -7.51 -23.00 13.65
CA LEU A 93 -7.91 -23.69 12.42
C LEU A 93 -6.70 -24.27 11.70
N GLY A 94 -5.62 -23.50 11.60
CA GLY A 94 -4.41 -24.02 11.01
C GLY A 94 -3.87 -25.24 11.74
N VAL A 95 -3.90 -25.20 13.08
CA VAL A 95 -3.41 -26.36 13.83
C VAL A 95 -4.31 -27.57 13.60
N GLU A 96 -5.63 -27.35 13.54
CA GLU A 96 -6.55 -28.44 13.23
C GLU A 96 -6.22 -29.07 11.89
N LYS A 97 -5.92 -28.24 10.88
CA LYS A 97 -5.54 -28.80 9.58
C LYS A 97 -4.24 -29.59 9.67
N GLN A 98 -3.25 -29.06 10.40
CA GLN A 98 -2.00 -29.81 10.59
C GLN A 98 -2.27 -31.18 11.23
N LEU A 99 -3.23 -31.25 12.15
CA LEU A 99 -3.51 -32.49 12.85
C LEU A 99 -4.50 -33.38 12.11
N GLY A 100 -5.07 -32.91 11.01
CA GLY A 100 -6.08 -33.70 10.31
C GLY A 100 -7.35 -33.90 11.11
N ILE A 101 -7.73 -32.93 11.93
CA ILE A 101 -8.95 -32.99 12.73
C ILE A 101 -9.76 -31.74 12.44
N SER A 102 -11.03 -31.75 12.87
CA SER A 102 -11.90 -30.62 12.65
C SER A 102 -13.08 -30.70 13.60
N GLY A 103 -13.43 -29.59 14.21
CA GLY A 103 -14.57 -29.51 15.09
C GLY A 103 -14.21 -29.74 16.55
N LYS A 104 -15.09 -29.28 17.43
CA LYS A 104 -14.83 -29.37 18.86
C LYS A 104 -14.76 -30.81 19.33
N HIS A 105 -15.62 -31.68 18.81
CA HIS A 105 -15.61 -33.08 19.25
C HIS A 105 -14.27 -33.76 18.97
N ASP A 106 -13.72 -33.50 17.78
CA ASP A 106 -12.40 -34.04 17.44
C ASP A 106 -11.32 -33.51 18.40
N ILE A 107 -11.42 -32.23 18.77
CA ILE A 107 -10.44 -31.66 19.69
C ILE A 107 -10.56 -32.29 21.07
N GLU A 108 -11.79 -32.51 21.54
CA GLU A 108 -12.00 -33.16 22.83
C GLU A 108 -11.42 -34.57 22.82
N LYS A 109 -11.66 -35.31 21.73
CA LYS A 109 -11.05 -36.64 21.60
C LYS A 109 -9.53 -36.54 21.61
N TYR A 110 -8.99 -35.59 20.85
CA TYR A 110 -7.53 -35.41 20.79
C TYR A 110 -6.97 -35.03 22.14
N GLY A 111 -7.71 -34.26 22.93
CA GLY A 111 -7.22 -33.79 24.22
C GLY A 111 -6.95 -32.30 24.19
N VAL A 112 -7.60 -31.57 25.10
CA VAL A 112 -7.51 -30.11 25.09
C VAL A 112 -6.07 -29.66 25.35
N GLU A 113 -5.38 -30.27 26.31
CA GLU A 113 -4.00 -29.90 26.59
C GLU A 113 -3.08 -30.22 25.41
N ALA A 114 -3.24 -31.40 24.81
CA ALA A 114 -2.39 -31.75 23.67
C ALA A 114 -2.62 -30.81 22.50
N PHE A 115 -3.89 -30.47 22.24
CA PHE A 115 -4.20 -29.52 21.15
C PHE A 115 -3.58 -28.15 21.43
N ILE A 116 -3.68 -27.69 22.67
CA ILE A 116 -3.11 -26.40 23.06
C ILE A 116 -1.59 -26.41 22.94
N ASN A 117 -0.96 -27.53 23.30
CA ASN A 117 0.49 -27.65 23.14
C ASN A 117 0.88 -27.60 21.67
N LYS A 118 0.08 -28.24 20.80
CA LYS A 118 0.31 -28.10 19.36
C LYS A 118 0.22 -26.63 18.92
N CYS A 119 -0.77 -25.91 19.44
CA CYS A 119 -0.91 -24.49 19.11
C CYS A 119 0.33 -23.70 19.51
N LYS A 120 0.83 -23.96 20.73
CA LYS A 120 2.03 -23.26 21.20
C LYS A 120 3.23 -23.55 20.30
N GLU A 121 3.40 -24.81 19.90
CA GLU A 121 4.53 -25.14 19.04
C GLU A 121 4.42 -24.45 17.69
N SER A 122 3.21 -24.45 17.12
CA SER A 122 2.99 -23.77 15.84
C SER A 122 3.31 -22.29 15.93
N VAL A 123 2.79 -21.61 16.96
CA VAL A 123 3.02 -20.18 17.05
C VAL A 123 4.51 -19.90 17.27
N PHE A 124 5.23 -20.77 17.98
CA PHE A 124 6.66 -20.53 18.14
C PHE A 124 7.39 -20.58 16.81
N VAL A 125 7.07 -21.58 15.98
CA VAL A 125 7.71 -21.69 14.67
C VAL A 125 7.43 -20.44 13.84
N TYR A 126 6.16 -20.04 13.79
CA TYR A 126 5.80 -18.88 12.97
C TYR A 126 6.38 -17.59 13.52
N GLU A 127 6.49 -17.47 14.85
CA GLU A 127 7.15 -16.32 15.44
C GLU A 127 8.58 -16.19 14.93
N LYS A 128 9.31 -17.31 14.90
CA LYS A 128 10.69 -17.23 14.43
C LYS A 128 10.76 -16.86 12.95
N GLN A 129 9.86 -17.39 12.14
CA GLN A 129 9.86 -17.02 10.72
C GLN A 129 9.58 -15.53 10.53
N GLN A 130 8.58 -15.01 11.24
CA GLN A 130 8.27 -13.58 11.19
C GLN A 130 9.46 -12.74 11.68
N ARG A 131 10.11 -13.16 12.76
CA ARG A 131 11.23 -12.41 13.31
C ARG A 131 12.38 -12.33 12.31
N THR A 132 12.72 -13.45 11.66
CA THR A 132 13.77 -13.42 10.66
C THR A 132 13.42 -12.45 9.53
N PHE A 133 12.17 -12.51 9.06
CA PHE A 133 11.77 -11.56 8.01
C PHE A 133 11.92 -10.12 8.48
N THR A 134 11.47 -9.82 9.71
CA THR A 134 11.53 -8.44 10.20
C THR A 134 12.96 -7.95 10.30
N GLU A 135 13.86 -8.80 10.80
CA GLU A 135 15.27 -8.40 10.90
C GLU A 135 15.87 -8.16 9.52
N GLN A 136 15.57 -9.06 8.56
CA GLN A 136 16.15 -8.88 7.23
C GLN A 136 15.59 -7.66 6.52
N LEU A 137 14.36 -7.26 6.86
CA LEU A 137 13.78 -6.05 6.30
C LEU A 137 14.41 -4.79 6.89
N GLY A 138 15.07 -4.90 8.04
CA GLY A 138 15.61 -3.73 8.68
C GLY A 138 14.61 -2.93 9.49
N TYR A 139 13.48 -3.53 9.86
CA TYR A 139 12.52 -2.89 10.75
C TYR A 139 12.97 -3.10 12.19
N TRP A 140 13.53 -2.05 12.78
CA TRP A 140 14.00 -2.12 14.17
C TRP A 140 12.81 -2.14 15.11
N VAL A 141 12.62 -3.27 15.78
CA VAL A 141 11.59 -3.42 16.81
C VAL A 141 12.05 -4.57 17.70
N ASP A 142 11.95 -4.38 19.02
CA ASP A 142 12.59 -5.28 19.98
C ASP A 142 11.87 -6.62 20.00
N MET A 143 12.42 -7.60 19.29
CA MET A 143 11.89 -8.95 19.27
C MET A 143 12.63 -9.89 20.21
N GLU A 144 13.62 -9.39 20.94
CA GLU A 144 14.26 -10.19 21.98
C GLU A 144 13.49 -10.11 23.29
N ASP A 145 12.77 -9.03 23.53
CA ASP A 145 11.87 -8.89 24.68
C ASP A 145 10.48 -8.45 24.21
N PRO A 146 9.82 -9.26 23.39
CA PRO A 146 8.52 -8.85 22.87
C PRO A 146 7.39 -9.17 23.85
N TYR A 147 6.25 -8.56 23.60
CA TYR A 147 5.02 -8.99 24.29
C TYR A 147 4.37 -10.09 23.47
N ILE A 148 3.82 -11.08 24.17
CA ILE A 148 3.22 -12.24 23.55
C ILE A 148 1.89 -12.52 24.22
N THR A 149 0.82 -12.62 23.43
CA THR A 149 -0.51 -12.68 24.03
C THR A 149 -0.74 -13.96 24.81
N LEU A 150 0.09 -14.98 24.63
CA LEU A 150 -0.08 -16.21 25.41
C LEU A 150 0.67 -16.19 26.74
N GLU A 151 1.55 -15.22 26.98
CA GLU A 151 2.29 -15.18 28.23
C GLU A 151 1.35 -14.86 29.39
N ASN A 152 1.69 -15.42 30.56
CA ASN A 152 0.81 -15.29 31.71
C ASN A 152 0.62 -13.83 32.14
N SER A 153 1.69 -13.04 32.12
CA SER A 153 1.57 -11.64 32.54
C SER A 153 0.64 -10.86 31.62
N TYR A 154 0.77 -11.07 30.29
CA TYR A 154 -0.12 -10.41 29.35
C TYR A 154 -1.57 -10.78 29.62
N ILE A 155 -1.82 -12.07 29.83
CA ILE A 155 -3.19 -12.52 30.09
C ILE A 155 -3.70 -11.95 31.40
N GLU A 156 -2.83 -11.82 32.40
CA GLU A 156 -3.26 -11.27 33.68
C GLU A 156 -3.70 -9.83 33.51
N SER A 157 -2.95 -9.05 32.71
CA SER A 157 -3.39 -7.69 32.43
C SER A 157 -4.73 -7.67 31.69
N VAL A 158 -4.91 -8.59 30.73
CA VAL A 158 -6.20 -8.67 30.05
C VAL A 158 -7.30 -8.98 31.06
N TRP A 159 -7.04 -9.90 31.99
CA TRP A 159 -8.00 -10.25 33.03
C TRP A 159 -8.35 -9.04 33.89
N ASN A 160 -7.34 -8.25 34.25
CA ASN A 160 -7.59 -7.04 35.03
C ASN A 160 -8.50 -6.09 34.26
N VAL A 161 -8.26 -5.92 32.95
CA VAL A 161 -9.12 -5.06 32.14
C VAL A 161 -10.55 -5.59 32.14
N LEU A 162 -10.70 -6.89 31.90
CA LEU A 162 -12.04 -7.48 31.81
C LEU A 162 -12.76 -7.38 33.14
N GLY A 163 -12.04 -7.55 34.24
CA GLY A 163 -12.65 -7.44 35.55
C GLY A 163 -13.09 -6.01 35.88
N THR A 164 -12.26 -5.02 35.50
CA THR A 164 -12.68 -3.64 35.68
C THR A 164 -13.94 -3.34 34.88
N ILE A 165 -13.98 -3.82 33.64
CA ILE A 165 -15.18 -3.64 32.83
C ILE A 165 -16.39 -4.28 33.51
N HIS A 166 -16.20 -5.50 34.04
CA HIS A 166 -17.28 -6.19 34.75
C HIS A 166 -17.73 -5.39 35.97
N ASP A 167 -16.77 -4.80 36.69
CA ASP A 167 -17.10 -3.92 37.82
C ASP A 167 -18.02 -2.80 37.38
N LYS A 168 -17.81 -2.26 36.18
CA LYS A 168 -18.68 -1.19 35.70
C LYS A 168 -20.06 -1.69 35.24
N GLY A 169 -20.34 -2.99 35.31
CA GLY A 169 -21.59 -3.51 34.80
C GLY A 169 -21.67 -3.64 33.29
N LEU A 170 -20.55 -3.57 32.59
CA LEU A 170 -20.53 -3.55 31.13
C LEU A 170 -20.11 -4.88 30.51
N LEU A 171 -19.99 -5.94 31.32
CA LEU A 171 -19.70 -7.29 30.83
C LEU A 171 -20.84 -8.18 31.30
N TYR A 172 -21.63 -8.67 30.35
CA TYR A 172 -22.87 -9.35 30.72
C TYR A 172 -23.10 -10.58 29.83
N LYS A 173 -23.83 -11.55 30.38
CA LYS A 173 -24.23 -12.74 29.65
C LYS A 173 -25.69 -12.60 29.24
N GLY A 174 -25.98 -12.99 28.00
CA GLY A 174 -27.33 -12.85 27.49
C GLY A 174 -27.60 -13.84 26.38
N HIS A 175 -28.86 -14.22 26.25
CA HIS A 175 -29.32 -15.12 25.19
C HIS A 175 -29.83 -14.25 24.05
N ARG A 176 -29.05 -14.15 22.97
CA ARG A 176 -29.35 -13.26 21.87
C ARG A 176 -29.17 -13.99 20.54
N VAL A 177 -29.86 -13.47 19.52
CA VAL A 177 -29.62 -13.91 18.14
C VAL A 177 -28.36 -13.20 17.66
N SER A 178 -27.32 -13.96 17.40
CA SER A 178 -26.02 -13.43 17.02
C SER A 178 -25.55 -14.09 15.74
N PRO A 179 -24.69 -13.43 14.97
CA PRO A 179 -24.03 -14.11 13.85
C PRO A 179 -23.19 -15.27 14.38
N TYR A 180 -23.20 -16.36 13.61
CA TYR A 180 -22.70 -17.63 14.12
C TYR A 180 -22.09 -18.40 12.96
N CYS A 181 -20.92 -18.98 13.20
CA CYS A 181 -20.28 -19.85 12.22
C CYS A 181 -20.67 -21.29 12.50
N PRO A 182 -21.41 -21.96 11.61
CA PRO A 182 -21.76 -23.37 11.87
C PRO A 182 -20.57 -24.32 11.82
N SER A 183 -19.49 -23.96 11.13
CA SER A 183 -18.30 -24.80 11.06
C SER A 183 -17.39 -24.59 12.27
N CYS A 184 -16.95 -23.34 12.49
CA CYS A 184 -16.21 -23.02 13.70
C CYS A 184 -17.03 -23.25 14.96
N GLN A 185 -18.36 -23.26 14.83
CA GLN A 185 -19.29 -23.52 15.94
C GLN A 185 -19.14 -22.50 17.05
N THR A 186 -19.17 -21.21 16.68
CA THR A 186 -19.07 -20.15 17.67
C THR A 186 -19.69 -18.88 17.10
N SER A 187 -20.23 -18.05 17.99
CA SER A 187 -20.68 -16.73 17.61
C SER A 187 -19.47 -15.85 17.25
N LEU A 188 -19.74 -14.76 16.55
CA LEU A 188 -18.70 -13.86 16.08
C LEU A 188 -19.08 -12.43 16.37
N SER A 189 -18.08 -11.57 16.44
CA SER A 189 -18.29 -10.16 16.73
C SER A 189 -18.71 -9.40 15.47
N SER A 190 -19.15 -8.15 15.66
CA SER A 190 -19.66 -7.38 14.53
C SER A 190 -18.54 -6.98 13.57
N HIS A 191 -17.35 -6.68 14.09
CA HIS A 191 -16.23 -6.36 13.19
C HIS A 191 -15.78 -7.59 12.39
N GLU A 192 -15.77 -8.75 13.04
CA GLU A 192 -15.49 -9.99 12.31
C GLU A 192 -16.50 -10.22 11.21
N VAL A 193 -17.78 -10.00 11.49
CA VAL A 193 -18.82 -10.14 10.46
C VAL A 193 -18.58 -9.15 9.34
N ALA A 194 -18.25 -7.90 9.69
CA ALA A 194 -18.03 -6.89 8.66
C ALA A 194 -16.88 -7.28 7.73
N GLN A 195 -15.95 -8.08 8.22
CA GLN A 195 -14.83 -8.51 7.38
C GLN A 195 -15.16 -9.65 6.41
N GLY A 196 -16.39 -10.15 6.37
CA GLY A 196 -16.65 -11.34 5.57
C GLY A 196 -17.88 -11.41 4.67
N TYR A 197 -18.32 -10.28 4.12
CA TYR A 197 -19.51 -10.28 3.27
C TYR A 197 -19.16 -10.69 1.84
N LYS A 198 -20.03 -11.51 1.25
CA LYS A 198 -19.89 -11.93 -0.15
C LYS A 198 -21.24 -11.83 -0.84
N ASP A 199 -21.22 -11.50 -2.13
CA ASP A 199 -22.44 -11.44 -2.92
C ASP A 199 -22.90 -12.85 -3.28
N VAL A 200 -24.17 -13.14 -3.00
CA VAL A 200 -24.75 -14.46 -3.21
C VAL A 200 -26.11 -14.32 -3.89
N LYS A 201 -26.58 -15.44 -4.44
CA LYS A 201 -27.89 -15.54 -5.07
C LYS A 201 -28.63 -16.72 -4.45
N ASP A 202 -29.81 -16.46 -3.90
CA ASP A 202 -30.61 -17.49 -3.24
C ASP A 202 -32.07 -17.26 -3.61
N LEU A 203 -33.00 -17.90 -2.88
CA LEU A 203 -34.41 -17.88 -3.22
C LEU A 203 -35.24 -17.30 -2.07
N THR A 204 -36.08 -16.33 -2.39
CA THR A 204 -37.13 -15.87 -1.50
C THR A 204 -38.47 -16.41 -1.98
N VAL A 205 -39.29 -16.88 -1.04
CA VAL A 205 -40.52 -17.56 -1.41
C VAL A 205 -41.72 -16.93 -0.70
N THR A 206 -42.84 -16.94 -1.43
CA THR A 206 -44.17 -16.62 -0.91
C THR A 206 -44.95 -17.92 -0.76
N VAL A 207 -45.53 -18.13 0.42
CA VAL A 207 -46.14 -19.39 0.83
C VAL A 207 -47.52 -19.12 1.39
N LYS A 208 -48.44 -20.07 1.19
CA LYS A 208 -49.81 -19.96 1.68
C LYS A 208 -49.92 -20.54 3.07
N PHE A 209 -50.57 -19.79 3.97
CA PHE A 209 -50.77 -20.20 5.35
C PHE A 209 -52.27 -20.27 5.58
N LYS A 210 -52.83 -21.48 5.71
CA LYS A 210 -54.28 -21.63 5.78
C LYS A 210 -54.81 -21.01 7.06
N VAL A 211 -55.71 -20.02 6.90
CA VAL A 211 -56.39 -19.46 8.06
C VAL A 211 -57.26 -20.53 8.70
N LYS A 212 -57.23 -20.60 10.03
CA LYS A 212 -58.00 -21.60 10.74
C LYS A 212 -59.40 -21.10 11.05
N ASN A 213 -60.33 -22.04 11.19
CA ASN A 213 -61.76 -21.76 11.35
C ASN A 213 -62.33 -21.02 10.13
N ARG A 214 -61.71 -21.21 8.98
CA ARG A 214 -62.20 -20.70 7.70
C ARG A 214 -61.92 -21.76 6.65
N ASP A 215 -62.35 -21.51 5.42
CA ASP A 215 -62.11 -22.43 4.31
C ASP A 215 -61.68 -21.66 3.08
N ASN A 216 -60.71 -22.21 2.34
CA ASN A 216 -60.19 -21.63 1.10
C ASN A 216 -59.63 -20.22 1.31
N GLU A 217 -59.16 -19.93 2.53
CA GLU A 217 -58.61 -18.64 2.87
C GLU A 217 -57.18 -18.84 3.38
N TYR A 218 -56.23 -18.16 2.74
CA TYR A 218 -54.82 -18.32 3.02
C TYR A 218 -54.16 -16.95 3.18
N PHE A 219 -53.34 -16.81 4.22
CA PHE A 219 -52.40 -15.70 4.31
C PHE A 219 -51.26 -15.91 3.33
N LEU A 220 -50.82 -14.84 2.67
CA LEU A 220 -49.64 -14.93 1.82
C LEU A 220 -48.43 -14.45 2.62
N GLY A 221 -47.65 -15.39 3.13
CA GLY A 221 -46.48 -15.08 3.92
C GLY A 221 -45.22 -15.12 3.07
N TRP A 222 -44.24 -14.29 3.43
CA TRP A 222 -43.06 -14.08 2.62
C TRP A 222 -41.82 -14.37 3.46
N THR A 223 -40.79 -14.93 2.82
CA THR A 223 -39.53 -15.11 3.53
C THR A 223 -38.36 -15.11 2.54
N THR A 224 -37.21 -14.67 3.02
CA THR A 224 -35.96 -14.75 2.27
C THR A 224 -35.13 -15.98 2.63
N THR A 225 -35.54 -16.72 3.66
CA THR A 225 -34.81 -17.89 4.14
C THR A 225 -35.81 -19.03 4.28
N PRO A 226 -36.02 -19.81 3.21
CA PRO A 226 -37.00 -20.91 3.29
C PRO A 226 -36.71 -21.93 4.38
N TRP A 227 -35.44 -22.18 4.70
CA TRP A 227 -35.11 -23.24 5.64
C TRP A 227 -35.64 -22.97 7.05
N THR A 228 -35.98 -21.72 7.37
CA THR A 228 -36.55 -21.41 8.68
C THR A 228 -38.06 -21.67 8.75
N LEU A 229 -38.69 -22.01 7.63
CA LEU A 229 -40.13 -22.26 7.63
C LEU A 229 -40.57 -23.34 8.62
N PRO A 230 -39.86 -24.48 8.78
CA PRO A 230 -40.29 -25.45 9.80
C PRO A 230 -40.37 -24.87 11.19
N SER A 231 -39.53 -23.90 11.53
CA SER A 231 -39.50 -23.28 12.85
C SER A 231 -40.51 -22.16 13.01
N ASN A 232 -41.50 -22.07 12.12
CA ASN A 232 -42.44 -20.96 12.13
C ASN A 232 -43.22 -20.92 13.44
N VAL A 233 -43.37 -19.70 13.99
CA VAL A 233 -44.10 -19.53 15.24
C VAL A 233 -45.19 -18.47 15.09
N ALA A 234 -45.01 -17.54 14.15
CA ALA A 234 -45.98 -16.46 14.01
C ALA A 234 -45.87 -15.84 12.62
N LEU A 235 -46.89 -15.05 12.28
CA LEU A 235 -46.89 -14.20 11.09
C LEU A 235 -47.04 -12.76 11.57
N ALA A 236 -46.22 -11.87 11.03
CA ALA A 236 -46.17 -10.48 11.46
C ALA A 236 -46.81 -9.58 10.40
N VAL A 237 -47.62 -8.63 10.87
CA VAL A 237 -48.21 -7.61 10.03
C VAL A 237 -48.07 -6.27 10.74
N HIS A 238 -48.15 -5.19 9.96
CA HIS A 238 -48.17 -3.86 10.54
C HIS A 238 -49.60 -3.50 10.92
N GLU A 239 -49.78 -2.95 12.13
CA GLU A 239 -51.11 -2.68 12.64
C GLU A 239 -51.83 -1.57 11.86
N GLU A 240 -51.09 -0.57 11.39
CA GLU A 240 -51.67 0.54 10.65
C GLU A 240 -51.66 0.29 9.14
N MET A 241 -51.09 -0.83 8.68
CA MET A 241 -51.09 -1.14 7.26
C MET A 241 -52.43 -1.73 6.85
N SER A 242 -52.86 -1.37 5.64
CA SER A 242 -54.12 -1.86 5.10
C SER A 242 -53.87 -3.14 4.32
N TYR A 243 -54.59 -4.20 4.68
CA TYR A 243 -54.53 -5.47 3.97
C TYR A 243 -55.88 -5.76 3.33
N VAL A 244 -55.86 -6.65 2.34
CA VAL A 244 -57.05 -7.00 1.57
C VAL A 244 -57.19 -8.52 1.54
N ARG A 245 -58.44 -8.97 1.68
CA ARG A 245 -58.85 -10.31 1.30
C ARG A 245 -59.28 -10.26 -0.16
N ALA A 246 -58.57 -10.97 -1.03
CA ALA A 246 -58.88 -10.97 -2.45
C ALA A 246 -59.16 -12.39 -2.91
N GLU A 247 -60.30 -12.56 -3.58
CA GLU A 247 -60.65 -13.84 -4.17
C GLU A 247 -59.85 -14.04 -5.46
N GLN A 248 -59.21 -15.19 -5.58
CA GLN A 248 -58.53 -15.61 -6.80
C GLN A 248 -59.00 -17.03 -7.08
N GLY A 249 -59.74 -17.20 -8.17
CA GLY A 249 -60.30 -18.50 -8.51
C GLY A 249 -61.10 -19.11 -7.37
N ASP A 250 -60.69 -20.31 -6.94
CA ASP A 250 -61.38 -21.03 -5.88
C ASP A 250 -60.97 -20.59 -4.49
N SER A 251 -59.91 -19.79 -4.34
CA SER A 251 -59.36 -19.48 -3.03
C SER A 251 -59.48 -17.99 -2.74
N VAL A 252 -59.20 -17.63 -1.49
CA VAL A 252 -59.11 -16.24 -1.06
C VAL A 252 -57.75 -16.06 -0.39
N TYR A 253 -57.06 -14.97 -0.73
CA TYR A 253 -55.73 -14.70 -0.23
C TYR A 253 -55.69 -13.36 0.49
N ILE A 254 -55.05 -13.33 1.65
CA ILE A 254 -54.87 -12.13 2.44
C ILE A 254 -53.46 -11.60 2.20
N VAL A 255 -53.38 -10.33 1.77
CA VAL A 255 -52.13 -9.72 1.34
C VAL A 255 -52.27 -8.21 1.51
N ALA A 256 -51.13 -7.52 1.62
CA ALA A 256 -51.17 -6.07 1.76
C ALA A 256 -51.80 -5.43 0.52
N GLU A 257 -52.57 -4.36 0.75
CA GLU A 257 -53.30 -3.72 -0.34
C GLU A 257 -52.34 -3.17 -1.39
N ALA A 258 -51.30 -2.46 -0.95
CA ALA A 258 -50.38 -1.83 -1.90
C ALA A 258 -49.60 -2.86 -2.71
N LEU A 259 -49.47 -4.09 -2.23
CA LEU A 259 -48.70 -5.13 -2.88
C LEU A 259 -49.57 -6.18 -3.58
N ALA A 260 -50.90 -6.07 -3.47
CA ALA A 260 -51.78 -7.12 -3.99
C ALA A 260 -51.64 -7.26 -5.50
N ASP A 261 -51.56 -6.13 -6.22
CA ASP A 261 -51.41 -6.21 -7.68
C ASP A 261 -50.10 -6.85 -8.10
N LYS A 262 -49.08 -6.84 -7.24
CA LYS A 262 -47.83 -7.51 -7.54
C LYS A 262 -47.90 -8.99 -7.20
N VAL A 263 -48.38 -9.31 -5.98
CA VAL A 263 -48.42 -10.70 -5.53
C VAL A 263 -49.48 -11.48 -6.29
N LEU A 264 -50.67 -10.91 -6.45
CA LEU A 264 -51.77 -11.58 -7.16
C LEU A 264 -51.70 -11.22 -8.63
N LYS A 265 -51.73 -12.25 -9.47
CA LYS A 265 -51.46 -12.08 -10.89
C LYS A 265 -52.44 -12.89 -11.72
N GLY A 266 -52.82 -12.34 -12.87
CA GLY A 266 -53.77 -12.99 -13.75
C GLY A 266 -55.20 -12.56 -13.53
N GLU A 267 -55.72 -12.79 -12.33
CA GLU A 267 -57.14 -12.54 -12.06
C GLU A 267 -57.36 -12.50 -10.56
N TYR A 268 -57.97 -11.41 -10.07
CA TYR A 268 -58.32 -11.33 -8.66
C TYR A 268 -59.43 -10.31 -8.49
N SER A 269 -60.17 -10.46 -7.38
CA SER A 269 -61.22 -9.51 -7.02
C SER A 269 -61.13 -9.23 -5.53
N VAL A 270 -60.88 -7.97 -5.17
CA VAL A 270 -60.75 -7.61 -3.76
C VAL A 270 -62.15 -7.58 -3.14
N LEU A 271 -62.36 -8.40 -2.11
CA LEU A 271 -63.65 -8.47 -1.43
C LEU A 271 -63.77 -7.47 -0.29
N SER A 272 -62.72 -7.28 0.49
CA SER A 272 -62.81 -6.45 1.69
C SER A 272 -61.44 -5.90 2.05
N HIS A 273 -61.45 -4.86 2.87
CA HIS A 273 -60.24 -4.22 3.38
C HIS A 273 -60.15 -4.40 4.89
N HIS A 274 -58.96 -4.71 5.38
CA HIS A 274 -58.72 -4.86 6.80
C HIS A 274 -57.42 -4.16 7.18
N LYS A 275 -57.42 -3.52 8.36
CA LYS A 275 -56.20 -3.00 8.94
C LYS A 275 -55.48 -4.10 9.70
N GLY A 276 -54.15 -3.98 9.77
CA GLY A 276 -53.37 -5.01 10.42
C GLY A 276 -53.76 -5.24 11.87
N ASN A 277 -54.28 -4.20 12.52
CA ASN A 277 -54.78 -4.36 13.88
C ASN A 277 -55.89 -5.40 13.95
N GLU A 278 -56.71 -5.47 12.90
CA GLU A 278 -57.83 -6.42 12.89
C GLU A 278 -57.38 -7.85 12.66
N LEU A 279 -56.38 -8.05 11.78
CA LEU A 279 -55.91 -9.40 11.49
C LEU A 279 -55.18 -10.03 12.67
N LYS A 280 -54.89 -9.27 13.71
CA LYS A 280 -54.25 -9.82 14.90
C LYS A 280 -55.08 -10.93 15.51
N GLY A 281 -54.42 -12.00 15.94
CA GLY A 281 -55.06 -13.06 16.67
C GLY A 281 -55.58 -14.21 15.84
N MET A 282 -55.65 -14.08 14.52
CA MET A 282 -56.21 -15.14 13.70
C MET A 282 -55.19 -16.25 13.53
N SER A 283 -55.59 -17.47 13.85
CA SER A 283 -54.72 -18.64 13.79
C SER A 283 -54.57 -19.13 12.36
N TYR A 284 -53.55 -19.93 12.13
CA TYR A 284 -53.27 -20.46 10.80
C TYR A 284 -52.57 -21.81 10.94
N GLU A 285 -52.28 -22.41 9.79
CA GLU A 285 -51.62 -23.72 9.71
C GLU A 285 -50.20 -23.55 9.18
N PRO A 286 -49.18 -24.00 9.90
CA PRO A 286 -47.82 -23.87 9.40
C PRO A 286 -47.60 -24.73 8.17
N PRO A 287 -46.73 -24.32 7.25
CA PRO A 287 -46.42 -25.17 6.09
C PRO A 287 -45.81 -26.51 6.47
N PHE A 288 -44.98 -26.52 7.52
CA PHE A 288 -44.41 -27.75 8.07
C PHE A 288 -44.92 -27.89 9.49
N ASN A 289 -45.37 -29.10 9.85
CA ASN A 289 -45.89 -29.37 11.18
C ASN A 289 -45.00 -30.35 11.96
N PHE A 290 -43.74 -30.51 11.54
CA PHE A 290 -42.82 -31.36 12.28
C PHE A 290 -42.63 -30.85 13.70
N VAL A 291 -42.41 -29.55 13.84
CA VAL A 291 -42.19 -28.94 15.14
C VAL A 291 -43.55 -28.64 15.77
N LYS A 292 -43.62 -28.78 17.09
CA LYS A 292 -44.84 -28.50 17.84
C LYS A 292 -44.66 -27.21 18.61
N VAL A 293 -45.53 -26.23 18.34
CA VAL A 293 -45.49 -24.92 18.97
C VAL A 293 -46.68 -24.84 19.91
N GLU A 294 -46.42 -24.87 21.23
CA GLU A 294 -47.51 -24.82 22.18
C GLU A 294 -48.20 -23.46 22.19
N LYS A 295 -47.46 -22.38 21.96
CA LYS A 295 -48.04 -21.05 21.87
C LYS A 295 -47.44 -20.35 20.66
N GLY A 296 -48.26 -20.18 19.62
CA GLY A 296 -47.80 -19.59 18.38
C GLY A 296 -48.79 -19.88 17.27
N HIS A 297 -48.28 -19.85 16.04
CA HIS A 297 -49.09 -20.07 14.84
C HIS A 297 -50.27 -19.11 14.81
N GLU A 298 -50.00 -17.85 15.14
CA GLU A 298 -50.99 -16.78 15.13
C GLU A 298 -50.44 -15.61 14.32
N VAL A 299 -51.21 -14.53 14.28
CA VAL A 299 -50.82 -13.29 13.61
C VAL A 299 -50.61 -12.23 14.68
N VAL A 300 -49.52 -11.47 14.54
CA VAL A 300 -49.13 -10.47 15.51
C VAL A 300 -48.76 -9.18 14.79
N THR A 301 -48.69 -8.09 15.55
CA THR A 301 -48.31 -6.79 15.04
C THR A 301 -46.83 -6.55 15.26
N ALA A 302 -46.17 -5.99 14.25
CA ALA A 302 -44.77 -5.61 14.35
C ALA A 302 -44.55 -4.37 13.52
N ASP A 303 -43.98 -3.33 14.14
CA ASP A 303 -43.86 -2.04 13.47
C ASP A 303 -42.89 -2.05 12.30
N TYR A 304 -41.99 -3.02 12.23
CA TYR A 304 -40.99 -3.05 11.17
C TYR A 304 -41.53 -3.63 9.87
N VAL A 305 -42.76 -4.14 9.86
CA VAL A 305 -43.36 -4.68 8.65
C VAL A 305 -43.59 -3.55 7.65
N THR A 306 -43.15 -3.76 6.40
CA THR A 306 -43.19 -2.75 5.37
C THR A 306 -44.07 -3.20 4.21
N ASP A 307 -44.71 -2.23 3.56
CA ASP A 307 -45.44 -2.48 2.32
C ASP A 307 -44.59 -2.23 1.09
N GLN A 308 -43.32 -1.87 1.26
CA GLN A 308 -42.45 -1.64 0.11
C GLN A 308 -42.19 -2.93 -0.67
N SER A 309 -42.01 -4.05 0.04
N SER A 309 -42.01 -4.05 0.04
CA SER A 309 -41.64 -5.30 -0.59
CA SER A 309 -41.64 -5.30 -0.59
C SER A 309 -42.33 -6.46 0.10
C SER A 309 -42.33 -6.46 0.10
N GLY A 310 -42.38 -7.60 -0.59
CA GLY A 310 -42.99 -8.79 -0.05
C GLY A 310 -44.50 -8.78 -0.14
N THR A 311 -45.15 -9.32 0.89
CA THR A 311 -46.60 -9.39 0.94
C THR A 311 -47.22 -8.60 2.08
N GLY A 312 -46.42 -8.06 2.99
CA GLY A 312 -46.93 -7.46 4.20
C GLY A 312 -47.18 -8.43 5.32
N VAL A 313 -47.06 -9.73 5.06
CA VAL A 313 -47.15 -10.76 6.09
C VAL A 313 -45.80 -11.46 6.12
N VAL A 314 -45.14 -11.43 7.26
CA VAL A 314 -43.76 -11.90 7.37
C VAL A 314 -43.72 -13.11 8.29
N HIS A 315 -43.20 -14.22 7.76
CA HIS A 315 -42.96 -15.41 8.58
C HIS A 315 -41.92 -15.09 9.66
N LEU A 316 -42.19 -15.51 10.89
CA LEU A 316 -41.31 -15.24 12.02
C LEU A 316 -40.78 -16.55 12.60
N ALA A 317 -39.46 -16.72 12.59
CA ALA A 317 -38.81 -17.81 13.30
C ALA A 317 -37.93 -17.23 14.41
N PRO A 318 -38.32 -17.39 15.68
CA PRO A 318 -37.66 -16.61 16.75
C PRO A 318 -36.19 -16.90 16.93
N ALA A 319 -35.73 -18.11 16.64
CA ALA A 319 -34.35 -18.48 16.93
C ALA A 319 -33.36 -17.99 15.89
N TYR A 320 -33.83 -17.56 14.71
CA TYR A 320 -32.94 -17.27 13.58
C TYR A 320 -33.05 -15.83 13.10
N GLY A 321 -33.63 -14.95 13.91
CA GLY A 321 -33.73 -13.55 13.57
C GLY A 321 -33.96 -12.69 14.79
N GLU A 322 -33.26 -11.56 14.87
CA GLU A 322 -33.36 -10.69 16.04
C GLU A 322 -34.79 -10.16 16.21
N ASP A 323 -35.38 -9.67 15.11
CA ASP A 323 -36.74 -9.15 15.17
C ASP A 323 -37.73 -10.26 15.51
N ASP A 324 -37.56 -11.43 14.89
CA ASP A 324 -38.44 -12.56 15.19
C ASP A 324 -38.37 -12.92 16.67
N TYR A 325 -37.15 -12.98 17.21
CA TYR A 325 -36.95 -13.25 18.63
C TYR A 325 -37.69 -12.24 19.49
N ARG A 326 -37.47 -10.95 19.21
CA ARG A 326 -38.07 -9.91 20.03
C ARG A 326 -39.59 -9.96 19.98
N VAL A 327 -40.15 -10.12 18.79
CA VAL A 327 -41.61 -10.09 18.64
C VAL A 327 -42.23 -11.32 19.29
N VAL A 328 -41.68 -12.50 19.03
CA VAL A 328 -42.20 -13.73 19.63
C VAL A 328 -42.14 -13.65 21.15
N LYS A 329 -41.04 -13.10 21.69
CA LYS A 329 -40.93 -12.94 23.14
C LYS A 329 -41.95 -11.96 23.69
N GLU A 330 -42.18 -10.85 22.98
CA GLU A 330 -43.09 -9.83 23.48
C GLU A 330 -44.51 -10.36 23.64
N ASN A 331 -44.98 -11.14 22.66
CA ASN A 331 -46.35 -11.65 22.68
C ASN A 331 -46.51 -12.91 23.52
N GLY A 332 -45.46 -13.33 24.22
CA GLY A 332 -45.51 -14.54 25.01
C GLY A 332 -45.39 -15.82 24.22
N PHE A 333 -45.22 -15.74 22.90
CA PHE A 333 -45.13 -16.93 22.08
C PHE A 333 -43.84 -17.68 22.40
N SER A 334 -43.85 -18.98 22.11
CA SER A 334 -42.80 -19.87 22.60
C SER A 334 -41.62 -19.92 21.65
N PHE A 335 -40.43 -20.07 22.24
CA PHE A 335 -39.19 -20.13 21.51
C PHE A 335 -38.90 -21.57 21.10
N VAL A 336 -38.67 -21.79 19.81
CA VAL A 336 -38.36 -23.11 19.29
C VAL A 336 -37.06 -23.03 18.49
N ASN A 337 -36.28 -24.11 18.56
CA ASN A 337 -35.02 -24.22 17.83
C ASN A 337 -34.97 -25.58 17.16
N VAL A 338 -34.55 -25.60 15.89
CA VAL A 338 -34.58 -26.83 15.12
C VAL A 338 -33.22 -27.07 14.48
N VAL A 339 -32.20 -26.37 14.98
CA VAL A 339 -30.86 -26.42 14.41
C VAL A 339 -29.86 -26.71 15.52
N ASP A 340 -28.93 -27.62 15.26
CA ASP A 340 -27.89 -27.97 16.23
C ASP A 340 -26.76 -26.95 16.15
N GLU A 341 -25.64 -27.23 16.83
CA GLU A 341 -24.53 -26.30 16.87
C GLU A 341 -23.72 -26.28 15.58
N LYS A 342 -23.89 -27.27 14.71
CA LYS A 342 -23.19 -27.34 13.43
C LYS A 342 -24.03 -26.79 12.28
N GLY A 343 -25.19 -26.20 12.57
CA GLY A 343 -26.06 -25.73 11.52
C GLY A 343 -26.89 -26.78 10.85
N GLN A 344 -26.93 -27.99 11.40
CA GLN A 344 -27.68 -29.09 10.81
C GLN A 344 -29.07 -29.20 11.46
N TYR A 345 -29.99 -29.82 10.72
CA TYR A 345 -31.35 -29.96 11.19
C TYR A 345 -31.42 -30.96 12.34
N THR A 346 -32.08 -30.57 13.43
CA THR A 346 -32.23 -31.43 14.59
C THR A 346 -33.32 -32.46 14.35
N SER A 347 -33.52 -33.33 15.36
CA SER A 347 -34.51 -34.40 15.25
C SER A 347 -35.93 -33.89 15.09
N GLU A 348 -36.20 -32.65 15.51
CA GLU A 348 -37.55 -32.09 15.37
C GLU A 348 -37.97 -31.90 13.93
N VAL A 349 -37.03 -31.96 12.98
CA VAL A 349 -37.34 -31.91 11.55
C VAL A 349 -36.85 -33.21 10.92
N PRO A 350 -37.68 -34.24 10.84
CA PRO A 350 -37.22 -35.57 10.40
C PRO A 350 -36.66 -35.57 8.98
N PRO A 351 -37.37 -35.05 7.96
CA PRO A 351 -36.91 -35.33 6.58
C PRO A 351 -35.51 -34.84 6.27
N PHE A 352 -35.12 -33.68 6.82
CA PHE A 352 -33.81 -33.10 6.54
C PHE A 352 -32.86 -33.22 7.73
N GLN A 353 -33.25 -33.96 8.77
CA GLN A 353 -32.46 -34.11 9.98
C GLN A 353 -31.01 -34.49 9.66
N GLY A 354 -30.07 -33.65 10.13
CA GLY A 354 -28.67 -33.92 9.94
C GLY A 354 -28.05 -33.31 8.70
N ARG A 355 -28.71 -32.34 8.07
CA ARG A 355 -28.17 -31.64 6.91
C ARG A 355 -28.07 -30.15 7.19
N PHE A 356 -27.08 -29.51 6.57
CA PHE A 356 -26.94 -28.07 6.68
C PHE A 356 -28.19 -27.38 6.14
N VAL A 357 -28.71 -26.42 6.90
CA VAL A 357 -30.04 -25.86 6.63
C VAL A 357 -30.05 -25.13 5.29
N LYS A 358 -28.98 -24.39 4.98
CA LYS A 358 -28.96 -23.64 3.73
C LYS A 358 -28.97 -24.58 2.52
N ASP A 359 -28.17 -25.64 2.57
CA ASP A 359 -28.09 -26.60 1.47
C ASP A 359 -29.42 -27.31 1.22
N CYS A 360 -30.36 -27.23 2.15
CA CYS A 360 -31.67 -27.84 2.02
C CYS A 360 -32.68 -26.92 1.35
N ASP A 361 -32.27 -25.74 0.86
CA ASP A 361 -33.23 -24.77 0.35
C ASP A 361 -34.05 -25.36 -0.79
N VAL A 362 -33.38 -25.89 -1.82
CA VAL A 362 -34.07 -26.30 -3.04
C VAL A 362 -35.13 -27.36 -2.72
N ASP A 363 -34.73 -28.41 -2.01
CA ASP A 363 -35.68 -29.44 -1.60
C ASP A 363 -36.87 -28.84 -0.87
N ILE A 364 -36.61 -27.88 0.03
CA ILE A 364 -37.68 -27.26 0.80
C ILE A 364 -38.73 -26.70 -0.16
N VAL A 365 -38.26 -25.99 -1.20
CA VAL A 365 -39.18 -25.39 -2.17
C VAL A 365 -40.10 -26.47 -2.74
N ARG A 366 -39.51 -27.58 -3.19
CA ARG A 366 -40.32 -28.65 -3.77
C ARG A 366 -41.25 -29.24 -2.72
N TYR A 367 -40.76 -29.39 -1.48
CA TYR A 367 -41.64 -29.83 -0.40
C TYR A 367 -42.84 -28.91 -0.29
N LEU A 368 -42.60 -27.59 -0.37
CA LEU A 368 -43.68 -26.62 -0.33
C LEU A 368 -44.64 -26.83 -1.48
N ALA A 369 -44.12 -27.16 -2.66
CA ALA A 369 -44.99 -27.45 -3.80
C ALA A 369 -45.83 -28.69 -3.56
N ASN A 370 -45.28 -29.69 -2.86
CA ASN A 370 -46.00 -30.94 -2.67
C ASN A 370 -47.11 -30.80 -1.62
N GLN A 371 -46.95 -29.89 -0.67
CA GLN A 371 -48.04 -29.57 0.25
C GLN A 371 -49.04 -28.61 -0.36
N ASP A 372 -48.78 -28.11 -1.56
CA ASP A 372 -49.64 -27.13 -2.24
C ASP A 372 -49.80 -25.87 -1.40
N VAL A 373 -48.68 -25.29 -0.99
CA VAL A 373 -48.68 -24.09 -0.16
C VAL A 373 -47.77 -23.02 -0.77
N LEU A 374 -47.00 -23.40 -1.78
CA LEU A 374 -46.16 -22.41 -2.46
C LEU A 374 -47.00 -21.47 -3.31
N TYR A 375 -46.57 -20.21 -3.39
CA TYR A 375 -47.25 -19.24 -4.25
C TYR A 375 -46.24 -18.51 -5.13
N HIS A 376 -45.03 -18.27 -4.64
CA HIS A 376 -44.07 -17.58 -5.48
C HIS A 376 -42.64 -17.91 -5.07
N LYS A 377 -41.73 -17.82 -6.05
CA LYS A 377 -40.29 -17.98 -5.86
C LYS A 377 -39.58 -16.89 -6.63
N GLU A 378 -38.52 -16.33 -6.04
CA GLU A 378 -37.79 -15.24 -6.68
C GLU A 378 -36.31 -15.31 -6.33
N LYS A 379 -35.45 -15.11 -7.33
CA LYS A 379 -34.03 -15.02 -7.08
C LYS A 379 -33.69 -13.72 -6.35
N HIS A 380 -32.75 -13.82 -5.40
CA HIS A 380 -32.34 -12.71 -4.55
C HIS A 380 -30.83 -12.64 -4.60
N GLU A 381 -30.31 -11.55 -5.16
CA GLU A 381 -28.88 -11.28 -5.19
C GLU A 381 -28.58 -10.24 -4.13
N HIS A 382 -27.75 -10.61 -3.15
CA HIS A 382 -27.54 -9.73 -2.00
C HIS A 382 -26.24 -10.09 -1.32
N SER A 383 -25.79 -9.18 -0.45
CA SER A 383 -24.63 -9.43 0.38
C SER A 383 -25.02 -10.32 1.56
N TYR A 384 -24.30 -11.41 1.74
CA TYR A 384 -24.52 -12.36 2.82
C TYR A 384 -23.23 -12.55 3.61
N PRO A 385 -23.32 -12.73 4.93
CA PRO A 385 -22.12 -12.84 5.77
C PRO A 385 -21.50 -14.23 5.72
N PHE A 386 -20.18 -14.27 5.54
CA PHE A 386 -19.38 -15.49 5.59
C PHE A 386 -18.28 -15.34 6.65
N CYS A 387 -17.87 -16.47 7.24
CA CYS A 387 -16.85 -16.45 8.29
C CYS A 387 -15.50 -15.97 7.75
N TRP A 388 -14.90 -14.97 8.41
CA TRP A 388 -13.65 -14.37 7.98
C TRP A 388 -12.46 -15.33 8.10
N ARG A 389 -12.64 -16.47 8.76
CA ARG A 389 -11.62 -17.52 8.78
C ARG A 389 -11.99 -18.77 8.00
N CYS A 390 -13.09 -19.49 8.31
CA CYS A 390 -13.26 -20.78 7.61
C CYS A 390 -13.90 -20.63 6.24
N ASP A 391 -14.51 -19.48 5.97
CA ASP A 391 -15.21 -19.15 4.74
C ASP A 391 -16.60 -19.78 4.65
N SER A 392 -17.10 -20.45 5.69
CA SER A 392 -18.45 -20.96 5.67
C SER A 392 -19.47 -19.82 5.67
N PRO A 393 -20.65 -20.03 5.10
CA PRO A 393 -21.73 -19.08 5.30
C PRO A 393 -22.10 -19.00 6.76
N LEU A 394 -22.40 -17.79 7.23
CA LEU A 394 -22.83 -17.61 8.60
C LEU A 394 -24.34 -17.81 8.72
N LEU A 395 -24.79 -17.98 9.95
CA LEU A 395 -26.19 -18.06 10.27
C LEU A 395 -26.46 -17.10 11.42
N TYR A 396 -27.68 -16.56 11.47
CA TYR A 396 -28.11 -15.81 12.65
C TYR A 396 -28.78 -16.80 13.58
N TYR A 397 -28.18 -17.02 14.75
CA TYR A 397 -28.52 -18.13 15.62
C TYR A 397 -28.72 -17.62 17.04
N ALA A 398 -29.80 -18.08 17.69
CA ALA A 398 -30.01 -17.75 19.09
C ALA A 398 -29.03 -18.54 19.94
N ASN A 399 -28.32 -17.85 20.84
CA ASN A 399 -27.19 -18.43 21.53
C ASN A 399 -26.93 -17.58 22.77
N GLU A 400 -26.46 -18.24 23.84
CA GLU A 400 -26.07 -17.52 25.04
C GLU A 400 -24.61 -17.12 24.91
N SER A 401 -24.35 -15.81 25.03
CA SER A 401 -23.03 -15.27 24.78
C SER A 401 -22.71 -14.22 25.83
N TRP A 402 -21.42 -13.90 25.93
CA TRP A 402 -20.95 -12.80 26.76
C TRP A 402 -20.66 -11.58 25.88
N PHE A 403 -21.12 -10.42 26.33
CA PHE A 403 -21.01 -9.17 25.60
C PHE A 403 -20.28 -8.13 26.45
N ILE A 404 -19.42 -7.36 25.80
CA ILE A 404 -18.94 -6.08 26.31
C ILE A 404 -19.90 -5.01 25.79
N GLN A 405 -20.48 -4.23 26.71
CA GLN A 405 -21.54 -3.28 26.36
C GLN A 405 -20.93 -2.00 25.79
N THR A 406 -20.42 -2.12 24.56
CA THR A 406 -19.80 -0.97 23.92
C THR A 406 -20.81 0.15 23.66
N THR A 407 -22.07 -0.20 23.37
CA THR A 407 -23.05 0.85 23.07
C THR A 407 -23.21 1.83 24.22
N ALA A 408 -23.06 1.36 25.47
CA ALA A 408 -23.19 2.25 26.61
C ALA A 408 -22.21 3.42 26.56
N LEU A 409 -21.08 3.26 25.87
CA LEU A 409 -20.09 4.32 25.74
C LEU A 409 -19.98 4.85 24.31
N LYS A 410 -21.02 4.62 23.48
CA LYS A 410 -20.94 4.99 22.07
C LYS A 410 -20.54 6.44 21.89
N GLU A 411 -21.19 7.35 22.63
CA GLU A 411 -20.86 8.76 22.55
C GLU A 411 -19.37 8.99 22.79
N GLN A 412 -18.84 8.40 23.85
CA GLN A 412 -17.42 8.54 24.14
C GLN A 412 -16.58 8.01 22.98
N PHE A 413 -16.96 6.84 22.43
CA PHE A 413 -16.32 6.32 21.23
C PHE A 413 -16.18 7.42 20.21
N LEU A 414 -17.31 8.02 19.83
CA LEU A 414 -17.29 9.02 18.78
C LEU A 414 -16.40 10.19 19.18
N LYS A 415 -16.52 10.62 20.44
CA LYS A 415 -15.69 11.71 20.91
C LYS A 415 -14.22 11.35 20.74
N ASN A 416 -13.85 10.15 21.16
CA ASN A 416 -12.45 9.76 21.07
C ASN A 416 -12.01 9.71 19.60
N ASN A 417 -12.88 9.18 18.73
CA ASN A 417 -12.51 9.13 17.32
C ASN A 417 -12.36 10.53 16.75
N GLU A 418 -13.11 11.50 17.30
CA GLU A 418 -13.02 12.86 16.80
C GLU A 418 -11.67 13.48 17.11
N SER A 419 -10.94 12.95 18.09
CA SER A 419 -9.63 13.49 18.45
C SER A 419 -8.49 12.91 17.62
N VAL A 420 -8.77 11.94 16.75
CA VAL A 420 -7.73 11.17 16.06
C VAL A 420 -7.52 11.74 14.67
N LYS A 421 -6.26 11.94 14.30
CA LYS A 421 -5.91 12.29 12.93
C LYS A 421 -5.70 11.01 12.13
N TRP A 422 -6.49 10.84 11.07
CA TRP A 422 -6.47 9.65 10.23
C TRP A 422 -5.80 9.95 8.90
N TYR A 423 -4.92 9.04 8.46
CA TYR A 423 -4.38 9.06 7.11
C TYR A 423 -4.84 7.78 6.42
N PRO A 424 -5.57 7.85 5.30
CA PRO A 424 -6.12 9.05 4.66
C PRO A 424 -7.28 9.59 5.49
N ASP A 425 -7.64 10.86 5.30
CA ASP A 425 -8.64 11.50 6.15
C ASP A 425 -10.00 10.81 6.06
N HIS A 426 -10.37 10.31 4.87
CA HIS A 426 -11.72 9.82 4.66
C HIS A 426 -12.07 8.63 5.56
N ILE A 427 -11.07 7.92 6.09
CA ILE A 427 -11.35 6.79 6.99
C ILE A 427 -12.05 7.26 8.26
N LYS A 428 -11.74 8.48 8.72
CA LYS A 428 -12.21 8.94 10.02
C LYS A 428 -13.73 8.90 10.13
N HIS A 429 -14.43 9.50 9.17
CA HIS A 429 -15.90 9.46 9.15
C HIS A 429 -16.43 8.51 8.09
N GLY A 430 -15.55 7.84 7.36
CA GLY A 430 -15.97 6.84 6.40
C GLY A 430 -15.94 5.45 6.99
N ARG A 431 -14.94 4.66 6.59
CA ARG A 431 -14.92 3.24 6.96
C ARG A 431 -14.96 3.05 8.47
N PHE A 432 -14.19 3.85 9.22
CA PHE A 432 -14.17 3.69 10.67
C PHE A 432 -15.38 4.35 11.33
N GLY A 433 -15.63 5.63 11.02
CA GLY A 433 -16.71 6.35 11.67
C GLY A 433 -18.07 5.74 11.42
N LYS A 434 -18.32 5.27 10.19
CA LYS A 434 -19.61 4.65 9.89
C LYS A 434 -19.79 3.37 10.70
N PHE A 435 -18.71 2.63 10.92
CA PHE A 435 -18.79 1.45 11.78
C PHE A 435 -19.10 1.84 13.22
N LEU A 436 -18.50 2.94 13.70
CA LEU A 436 -18.84 3.43 15.03
C LEU A 436 -20.31 3.81 15.14
N GLU A 437 -20.85 4.47 14.10
CA GLU A 437 -22.23 4.94 14.16
C GLU A 437 -23.22 3.78 14.21
N ASN A 438 -22.89 2.64 13.61
CA ASN A 438 -23.78 1.48 13.60
C ASN A 438 -23.44 0.48 14.70
N MET A 439 -22.89 0.96 15.82
CA MET A 439 -22.37 0.08 16.86
C MET A 439 -23.45 -0.84 17.43
N VAL A 440 -23.06 -2.11 17.62
CA VAL A 440 -23.76 -3.02 18.50
C VAL A 440 -22.77 -3.49 19.56
N ASP A 441 -23.31 -4.13 20.61
CA ASP A 441 -22.45 -4.61 21.68
C ASP A 441 -21.49 -5.68 21.17
N TRP A 442 -20.34 -5.78 21.83
CA TRP A 442 -19.22 -6.63 21.42
C TRP A 442 -19.42 -8.03 21.98
N ASN A 443 -19.75 -8.99 21.11
CA ASN A 443 -19.84 -10.40 21.49
C ASN A 443 -18.42 -10.96 21.58
N ILE A 444 -17.94 -11.24 22.79
CA ILE A 444 -16.55 -11.66 22.99
C ILE A 444 -16.39 -13.15 23.29
N SER A 445 -17.46 -13.85 23.64
CA SER A 445 -17.32 -15.24 24.07
C SER A 445 -17.22 -16.18 22.87
N ARG A 446 -16.20 -17.04 22.88
CA ARG A 446 -16.00 -18.04 21.84
C ARG A 446 -15.96 -19.43 22.47
N LYS A 447 -16.77 -20.34 21.94
CA LYS A 447 -16.81 -21.72 22.43
C LYS A 447 -15.65 -22.53 21.83
N ARG A 448 -14.43 -22.10 22.17
CA ARG A 448 -13.20 -22.69 21.67
C ARG A 448 -12.24 -23.01 22.81
N TYR A 449 -10.99 -23.34 22.49
CA TYR A 449 -10.07 -23.83 23.50
C TYR A 449 -8.79 -23.04 23.63
N TRP A 450 -8.23 -22.53 22.52
CA TRP A 450 -6.95 -21.84 22.54
C TRP A 450 -7.22 -20.33 22.49
N GLY A 451 -7.02 -19.68 23.63
CA GLY A 451 -7.28 -18.25 23.74
C GLY A 451 -7.35 -17.83 25.20
N THR A 452 -7.52 -16.53 25.37
CA THR A 452 -7.62 -15.97 26.73
C THR A 452 -8.92 -16.44 27.39
N PRO A 453 -8.85 -17.15 28.51
CA PRO A 453 -10.08 -17.58 29.19
C PRO A 453 -10.86 -16.38 29.69
N LEU A 454 -12.18 -16.43 29.51
CA LEU A 454 -13.05 -15.40 30.06
C LEU A 454 -13.09 -15.57 31.57
N ASN A 455 -12.59 -14.57 32.29
CA ASN A 455 -12.35 -14.69 33.73
C ASN A 455 -13.61 -14.34 34.53
N VAL A 456 -14.69 -15.05 34.25
CA VAL A 456 -15.94 -14.85 34.98
C VAL A 456 -16.38 -16.18 35.56
N TRP A 457 -16.49 -16.23 36.89
CA TRP A 457 -16.98 -17.39 37.61
C TRP A 457 -18.41 -17.12 38.07
N GLU A 458 -19.28 -18.12 37.91
CA GLU A 458 -20.68 -18.01 38.28
C GLU A 458 -21.02 -19.07 39.31
N CYS A 459 -21.79 -18.67 40.31
CA CYS A 459 -22.21 -19.59 41.36
C CYS A 459 -23.30 -20.52 40.85
N GLU A 460 -23.10 -21.83 41.03
N GLU A 460 -23.09 -21.82 41.04
CA GLU A 460 -24.10 -22.78 40.56
CA GLU A 460 -24.08 -22.82 40.60
C GLU A 460 -25.39 -22.71 41.37
C GLU A 460 -25.40 -22.64 41.34
N GLY A 461 -25.35 -22.11 42.56
CA GLY A 461 -26.55 -21.99 43.38
C GLY A 461 -27.37 -20.75 43.10
N CYS A 462 -26.74 -19.58 43.11
CA CYS A 462 -27.45 -18.31 43.00
C CYS A 462 -27.02 -17.46 41.81
N GLN A 463 -26.09 -17.93 40.98
CA GLN A 463 -25.66 -17.30 39.72
C GLN A 463 -24.94 -15.99 39.91
N HIS A 464 -24.57 -15.63 41.14
CA HIS A 464 -23.70 -14.48 41.38
C HIS A 464 -22.41 -14.64 40.58
N GLN A 465 -21.87 -13.51 40.12
CA GLN A 465 -20.69 -13.51 39.26
C GLN A 465 -19.50 -12.88 39.97
N VAL A 466 -18.33 -13.49 39.81
CA VAL A 466 -17.07 -12.96 40.33
C VAL A 466 -16.06 -12.99 39.18
N ALA A 467 -15.38 -11.88 38.96
CA ALA A 467 -14.40 -11.75 37.89
C ALA A 467 -13.04 -11.38 38.48
N PRO A 468 -12.17 -12.34 38.76
CA PRO A 468 -10.86 -12.01 39.33
C PRO A 468 -10.02 -11.17 38.37
N LYS A 469 -9.43 -10.11 38.91
CA LYS A 469 -8.56 -9.25 38.11
C LYS A 469 -7.14 -9.79 38.02
N SER A 470 -6.79 -10.79 38.81
CA SER A 470 -5.39 -11.20 38.92
C SER A 470 -5.32 -12.62 39.46
N ILE A 471 -4.10 -13.16 39.42
CA ILE A 471 -3.84 -14.44 40.04
C ILE A 471 -4.06 -14.37 41.54
N LYS A 472 -3.66 -13.25 42.16
CA LYS A 472 -3.87 -13.10 43.61
C LYS A 472 -5.36 -13.10 43.96
N GLU A 473 -6.19 -12.40 43.18
CA GLU A 473 -7.63 -12.42 43.43
C GLU A 473 -8.21 -13.82 43.21
N LEU A 474 -7.75 -14.51 42.15
CA LEU A 474 -8.17 -15.87 41.89
C LEU A 474 -7.84 -16.79 43.07
N GLN A 475 -6.62 -16.66 43.60
CA GLN A 475 -6.22 -17.45 44.76
C GLN A 475 -7.07 -17.09 45.97
N LYS A 476 -7.36 -15.80 46.16
CA LYS A 476 -8.12 -15.36 47.31
C LYS A 476 -9.51 -15.98 47.30
N HIS A 477 -10.18 -15.96 46.16
CA HIS A 477 -11.55 -16.46 46.11
C HIS A 477 -11.65 -17.98 46.01
N ALA A 478 -10.56 -18.66 45.68
CA ALA A 478 -10.61 -20.09 45.40
C ALA A 478 -10.96 -20.89 46.66
N SER A 479 -11.78 -21.92 46.49
CA SER A 479 -12.13 -22.81 47.60
C SER A 479 -11.03 -23.83 47.89
N HIS A 480 -9.99 -23.88 47.08
CA HIS A 480 -8.90 -24.83 47.21
C HIS A 480 -7.59 -24.10 46.95
N TYR A 481 -6.48 -24.78 47.22
CA TYR A 481 -5.17 -24.20 46.96
C TYR A 481 -4.98 -24.01 45.45
N VAL A 482 -4.49 -22.83 45.07
CA VAL A 482 -4.15 -22.51 43.68
C VAL A 482 -2.69 -22.05 43.66
N ASP A 483 -1.84 -22.80 42.98
CA ASP A 483 -0.41 -22.51 42.97
C ASP A 483 -0.11 -21.19 42.27
N ASP A 484 0.96 -20.53 42.72
CA ASP A 484 1.39 -19.29 42.10
C ASP A 484 1.75 -19.48 40.62
N SER A 485 2.07 -20.70 40.21
CA SER A 485 2.47 -20.98 38.84
C SER A 485 1.28 -21.30 37.92
N ILE A 486 0.05 -21.04 38.37
CA ILE A 486 -1.12 -21.38 37.56
C ILE A 486 -1.01 -20.72 36.19
N GLU A 487 -1.27 -21.49 35.15
CA GLU A 487 -1.26 -20.97 33.79
C GLU A 487 -2.68 -20.52 33.43
N LEU A 488 -2.80 -19.31 32.90
CA LEU A 488 -4.11 -18.75 32.59
C LEU A 488 -4.59 -19.20 31.21
N HIS A 489 -4.78 -20.52 31.09
CA HIS A 489 -5.32 -21.13 29.88
C HIS A 489 -6.24 -22.27 30.30
N LYS A 490 -7.10 -22.67 29.37
CA LYS A 490 -7.76 -23.95 29.52
C LYS A 490 -6.74 -25.08 29.38
N PRO A 491 -6.94 -26.21 30.05
CA PRO A 491 -8.01 -26.53 31.00
C PRO A 491 -7.64 -26.17 32.42
N TYR A 492 -6.48 -25.54 32.62
CA TYR A 492 -5.96 -25.34 33.97
C TYR A 492 -6.88 -24.43 34.79
N VAL A 493 -7.41 -23.37 34.19
CA VAL A 493 -8.30 -22.49 34.94
C VAL A 493 -9.70 -23.09 35.09
N ASP A 494 -10.07 -24.09 34.29
CA ASP A 494 -11.34 -24.76 34.49
C ASP A 494 -11.33 -25.68 35.71
N ASP A 495 -10.16 -25.98 36.26
CA ASP A 495 -10.06 -26.76 37.49
C ASP A 495 -10.01 -25.88 38.73
N VAL A 496 -10.26 -24.59 38.59
CA VAL A 496 -10.30 -23.65 39.70
C VAL A 496 -11.76 -23.29 39.98
N GLN A 497 -12.22 -23.60 41.19
CA GLN A 497 -13.55 -23.21 41.65
C GLN A 497 -13.43 -22.21 42.77
N LEU A 498 -14.45 -21.36 42.92
CA LEU A 498 -14.47 -20.32 43.93
C LEU A 498 -15.62 -20.57 44.90
N THR A 499 -15.51 -19.98 46.09
CA THR A 499 -16.60 -19.97 47.04
C THR A 499 -17.43 -18.71 46.83
N CYS A 500 -18.74 -18.89 46.67
CA CYS A 500 -19.60 -17.76 46.40
C CYS A 500 -19.67 -16.84 47.63
N PRO A 501 -19.37 -15.55 47.50
CA PRO A 501 -19.48 -14.66 48.66
C PRO A 501 -20.89 -14.50 49.18
N VAL A 502 -21.90 -14.86 48.40
CA VAL A 502 -23.30 -14.69 48.80
C VAL A 502 -23.81 -15.92 49.53
N CYS A 503 -23.72 -17.10 48.91
CA CYS A 503 -24.31 -18.31 49.47
C CYS A 503 -23.30 -19.39 49.80
N SER A 504 -22.00 -19.15 49.60
CA SER A 504 -20.93 -20.12 49.82
C SER A 504 -21.01 -21.31 48.88
N GLY A 505 -21.83 -21.24 47.82
CA GLY A 505 -21.91 -22.31 46.86
C GLY A 505 -20.68 -22.38 45.97
N GLU A 506 -20.70 -23.34 45.06
CA GLU A 506 -19.57 -23.55 44.14
C GLU A 506 -19.67 -22.60 42.96
N MET A 507 -18.58 -21.87 42.69
CA MET A 507 -18.48 -21.01 41.52
C MET A 507 -17.60 -21.69 40.47
N LYS A 508 -18.16 -21.86 39.27
CA LYS A 508 -17.43 -22.44 38.15
C LYS A 508 -17.20 -21.38 37.08
N ARG A 509 -16.04 -21.44 36.44
CA ARG A 509 -15.74 -20.52 35.37
C ARG A 509 -16.58 -20.83 34.13
N THR A 510 -17.11 -19.78 33.51
CA THR A 510 -17.73 -19.95 32.21
C THR A 510 -16.69 -20.53 31.25
N PRO A 511 -17.08 -21.46 30.38
CA PRO A 511 -16.06 -22.24 29.64
C PRO A 511 -15.37 -21.48 28.52
N GLU A 512 -15.95 -20.39 28.04
CA GLU A 512 -15.49 -19.78 26.79
C GLU A 512 -14.12 -19.11 26.96
N VAL A 513 -13.48 -18.88 25.81
CA VAL A 513 -12.36 -17.95 25.70
C VAL A 513 -12.87 -16.71 24.98
N ILE A 514 -12.04 -15.67 24.95
CA ILE A 514 -12.46 -14.38 24.41
C ILE A 514 -11.96 -14.22 22.98
N ASP A 515 -12.67 -13.38 22.24
CA ASP A 515 -12.27 -13.00 20.89
C ASP A 515 -10.84 -12.50 20.87
N VAL A 516 -10.07 -12.97 19.88
CA VAL A 516 -8.65 -12.64 19.76
C VAL A 516 -8.44 -11.13 19.62
N TRP A 517 -9.43 -10.44 19.07
CA TRP A 517 -9.30 -8.99 18.92
C TRP A 517 -9.22 -8.30 20.26
N PHE A 518 -9.85 -8.86 21.30
CA PHE A 518 -9.68 -8.26 22.62
C PHE A 518 -8.23 -8.36 23.09
N ASP A 519 -7.60 -9.52 22.86
CA ASP A 519 -6.18 -9.68 23.21
C ASP A 519 -5.35 -8.57 22.59
N SER A 520 -5.49 -8.39 21.27
CA SER A 520 -4.64 -7.38 20.63
C SER A 520 -5.03 -5.97 21.05
N GLY A 521 -6.33 -5.71 21.24
CA GLY A 521 -6.76 -4.39 21.67
C GLY A 521 -6.28 -4.00 23.05
N SER A 522 -5.94 -4.98 23.89
CA SER A 522 -5.46 -4.71 25.23
C SER A 522 -3.96 -4.43 25.31
N MET A 523 -3.24 -4.44 24.18
CA MET A 523 -1.78 -4.32 24.24
C MET A 523 -1.25 -3.05 24.91
N PRO A 524 -1.88 -1.86 24.84
CA PRO A 524 -1.28 -0.71 25.53
C PRO A 524 -1.11 -0.95 27.02
N PHE A 525 -2.02 -1.71 27.62
CA PHE A 525 -1.95 -2.02 29.04
C PHE A 525 -1.26 -3.34 29.33
N ALA A 526 -1.43 -4.33 28.46
CA ALA A 526 -0.87 -5.65 28.72
C ALA A 526 0.60 -5.78 28.31
N GLN A 527 1.08 -4.97 27.36
CA GLN A 527 2.47 -5.13 26.94
C GLN A 527 3.45 -4.82 28.08
N TYR A 528 3.06 -4.01 29.07
CA TYR A 528 3.92 -3.70 30.21
C TYR A 528 3.36 -4.23 31.53
N HIS A 529 2.44 -5.21 31.48
CA HIS A 529 1.89 -5.86 32.67
C HIS A 529 1.28 -4.83 33.62
N TYR A 530 0.64 -3.82 33.06
CA TYR A 530 -0.10 -2.84 33.84
C TYR A 530 -1.36 -3.50 34.41
N PRO A 531 -1.75 -3.18 35.66
CA PRO A 531 -1.12 -2.24 36.61
C PRO A 531 -0.18 -2.91 37.62
N PHE A 532 0.22 -4.16 37.37
CA PHE A 532 1.05 -4.90 38.30
C PHE A 532 2.52 -4.51 38.25
N GLU A 533 2.97 -3.94 37.13
CA GLU A 533 4.36 -3.51 36.97
C GLU A 533 4.40 -2.31 36.03
N ASN A 534 5.55 -1.64 36.02
CA ASN A 534 5.89 -0.65 34.99
C ASN A 534 4.83 0.44 34.89
N SER A 535 4.31 0.89 36.03
CA SER A 535 3.28 1.92 36.00
C SER A 535 3.81 3.23 35.44
N GLU A 536 5.01 3.64 35.87
CA GLU A 536 5.59 4.87 35.34
C GLU A 536 5.88 4.74 33.84
N LEU A 537 6.47 3.60 33.43
CA LEU A 537 6.74 3.40 32.01
C LEU A 537 5.44 3.39 31.21
N PHE A 538 4.41 2.72 31.71
CA PHE A 538 3.13 2.72 31.01
C PHE A 538 2.60 4.14 30.86
N GLN A 539 2.67 4.94 31.93
CA GLN A 539 2.18 6.32 31.85
C GLN A 539 2.95 7.10 30.80
N LYS A 540 4.26 6.88 30.74
CA LYS A 540 5.06 7.54 29.71
C LYS A 540 4.77 7.00 28.32
N GLN A 541 4.14 5.84 28.21
CA GLN A 541 3.89 5.18 26.92
C GLN A 541 2.40 5.02 26.64
N PHE A 542 1.62 6.06 26.96
CA PHE A 542 0.19 6.10 26.69
C PHE A 542 -0.26 7.54 26.61
N PRO A 543 -1.06 7.92 25.61
CA PRO A 543 -1.49 7.13 24.44
C PRO A 543 -0.41 7.10 23.38
N ALA A 544 -0.59 6.37 22.28
CA ALA A 544 0.38 6.37 21.20
C ALA A 544 0.29 7.64 20.38
N ASP A 545 1.46 8.15 19.97
CA ASP A 545 1.46 9.25 19.01
C ASP A 545 1.10 8.77 17.61
N VAL A 546 1.30 7.50 17.29
CA VAL A 546 0.96 6.97 15.96
C VAL A 546 0.88 5.46 16.03
N ILE A 547 0.04 4.89 15.16
CA ILE A 547 0.06 3.48 14.79
C ILE A 547 -0.10 3.41 13.28
N ALA A 548 0.41 2.34 12.68
CA ALA A 548 0.38 2.20 11.22
C ALA A 548 0.17 0.73 10.88
N GLU A 549 -1.00 0.40 10.35
CA GLU A 549 -1.35 -0.96 9.98
C GLU A 549 -2.29 -0.91 8.78
N GLY A 550 -2.64 -2.08 8.26
CA GLY A 550 -3.47 -2.15 7.08
C GLY A 550 -4.92 -1.77 7.34
N ILE A 551 -5.61 -1.42 6.25
CA ILE A 551 -6.97 -0.90 6.31
C ILE A 551 -7.94 -1.88 6.93
N ASP A 552 -7.65 -3.19 6.86
CA ASP A 552 -8.54 -4.18 7.45
C ASP A 552 -8.67 -4.00 8.96
N GLN A 553 -7.69 -3.38 9.60
CA GLN A 553 -7.79 -3.12 11.02
C GLN A 553 -8.89 -2.11 11.37
N THR A 554 -9.47 -1.42 10.39
CA THR A 554 -10.65 -0.62 10.69
C THR A 554 -11.79 -1.49 11.22
N ARG A 555 -11.82 -2.77 10.81
CA ARG A 555 -12.68 -3.77 11.43
C ARG A 555 -11.89 -4.68 12.35
N GLY A 556 -10.76 -4.22 12.83
CA GLY A 556 -9.81 -5.02 13.57
C GLY A 556 -9.16 -4.26 14.71
N TRP A 557 -7.83 -4.18 14.65
CA TRP A 557 -7.04 -3.67 15.75
C TRP A 557 -7.36 -2.21 16.05
N PHE A 558 -7.64 -1.40 15.02
CA PHE A 558 -8.02 -0.01 15.28
C PHE A 558 -9.27 0.04 16.17
N TYR A 559 -10.27 -0.76 15.81
CA TYR A 559 -11.49 -0.81 16.60
C TYR A 559 -11.25 -1.44 17.97
N SER A 560 -10.54 -2.55 18.03
CA SER A 560 -10.37 -3.25 19.31
C SER A 560 -9.55 -2.41 20.28
N LEU A 561 -8.50 -1.75 19.79
CA LEU A 561 -7.78 -0.78 20.61
C LEU A 561 -8.74 0.30 21.13
N MET A 562 -9.50 0.92 20.22
CA MET A 562 -10.36 2.02 20.64
C MET A 562 -11.37 1.54 21.67
N ALA A 563 -11.96 0.36 21.44
CA ALA A 563 -13.00 -0.17 22.32
C ALA A 563 -12.46 -0.53 23.70
N VAL A 564 -11.36 -1.29 23.75
CA VAL A 564 -10.78 -1.67 25.04
C VAL A 564 -10.36 -0.43 25.82
N SER A 565 -9.69 0.52 25.16
CA SER A 565 -9.25 1.71 25.86
C SER A 565 -10.42 2.56 26.34
N THR A 566 -11.45 2.72 25.51
CA THR A 566 -12.61 3.52 25.92
C THR A 566 -13.34 2.87 27.08
N LEU A 567 -13.51 1.55 27.03
CA LEU A 567 -14.23 0.85 28.10
C LEU A 567 -13.43 0.83 29.40
N PHE A 568 -12.10 0.74 29.31
CA PHE A 568 -11.25 0.57 30.48
C PHE A 568 -10.85 1.90 31.11
N THR A 569 -10.49 2.89 30.29
CA THR A 569 -10.01 4.18 30.76
C THR A 569 -10.86 5.35 30.29
N GLY A 570 -11.72 5.16 29.30
CA GLY A 570 -12.45 6.25 28.70
C GLY A 570 -11.68 7.03 27.65
N LYS A 571 -10.36 6.82 27.52
CA LYS A 571 -9.51 7.64 26.68
C LYS A 571 -9.21 6.96 25.35
N ALA A 572 -8.95 7.77 24.34
CA ALA A 572 -8.44 7.24 23.07
C ALA A 572 -7.03 6.70 23.29
N PRO A 573 -6.72 5.51 22.79
CA PRO A 573 -5.37 4.96 22.97
C PRO A 573 -4.37 5.44 21.94
N TYR A 574 -4.80 6.14 20.89
CA TYR A 574 -3.88 6.67 19.89
C TYR A 574 -4.32 8.06 19.46
N LYS A 575 -3.35 8.88 19.07
CA LYS A 575 -3.65 10.20 18.53
C LYS A 575 -3.77 10.21 17.02
N ARG A 576 -3.13 9.27 16.35
CA ARG A 576 -2.93 9.35 14.91
C ARG A 576 -2.85 7.94 14.35
N VAL A 577 -3.53 7.69 13.24
CA VAL A 577 -3.52 6.38 12.61
C VAL A 577 -3.13 6.51 11.16
N LEU A 578 -2.22 5.64 10.70
CA LEU A 578 -1.92 5.47 9.27
C LEU A 578 -2.57 4.17 8.83
N SER A 579 -3.60 4.27 8.00
CA SER A 579 -4.36 3.14 7.50
C SER A 579 -3.85 2.82 6.09
N LEU A 580 -3.20 1.68 5.94
CA LEU A 580 -2.45 1.34 4.73
C LEU A 580 -3.28 0.46 3.81
N GLY A 581 -3.33 0.82 2.53
CA GLY A 581 -3.94 -0.04 1.55
C GLY A 581 -3.16 -1.32 1.38
N HIS A 582 -3.88 -2.40 1.07
CA HIS A 582 -3.24 -3.69 0.91
C HIS A 582 -2.42 -3.74 -0.37
N VAL A 583 -1.39 -4.58 -0.35
CA VAL A 583 -0.57 -4.86 -1.52
C VAL A 583 -1.22 -5.99 -2.31
N LEU A 584 -1.38 -5.79 -3.62
CA LEU A 584 -1.90 -6.78 -4.54
C LEU A 584 -0.80 -7.22 -5.49
N ASP A 585 -1.11 -8.17 -6.37
CA ASP A 585 -0.19 -8.52 -7.43
C ASP A 585 -0.25 -7.47 -8.55
N GLU A 586 0.52 -7.69 -9.61
CA GLU A 586 0.58 -6.72 -10.70
C GLU A 586 -0.74 -6.60 -11.46
N ASN A 587 -1.61 -7.61 -11.37
CA ASN A 587 -2.90 -7.58 -12.05
C ASN A 587 -4.00 -6.97 -11.20
N GLY A 588 -3.68 -6.52 -9.99
CA GLY A 588 -4.69 -6.03 -9.09
C GLY A 588 -5.42 -7.10 -8.30
N GLN A 589 -4.97 -8.35 -8.39
CA GLN A 589 -5.61 -9.45 -7.67
C GLN A 589 -4.98 -9.62 -6.29
N LYS A 590 -5.82 -9.97 -5.31
CA LYS A 590 -5.32 -10.19 -3.96
C LYS A 590 -4.39 -11.40 -3.95
N MET A 591 -3.27 -11.26 -3.25
CA MET A 591 -2.28 -12.33 -3.21
C MET A 591 -2.65 -13.38 -2.17
N SER A 592 -2.49 -14.64 -2.55
CA SER A 592 -2.82 -15.76 -1.69
C SER A 592 -1.88 -16.92 -2.00
N LYS A 593 -1.62 -17.73 -0.97
CA LYS A 593 -0.84 -18.95 -1.18
C LYS A 593 -1.57 -19.91 -2.10
N SER A 594 -2.91 -19.97 -1.98
CA SER A 594 -3.70 -20.81 -2.88
C SER A 594 -3.60 -20.32 -4.33
N LYS A 595 -3.71 -19.01 -4.55
CA LYS A 595 -3.57 -18.47 -5.89
C LYS A 595 -2.16 -18.66 -6.43
N GLY A 596 -1.16 -18.69 -5.54
CA GLY A 596 0.22 -18.79 -5.97
C GLY A 596 0.81 -17.52 -6.53
N ASN A 597 0.13 -16.38 -6.36
CA ASN A 597 0.59 -15.08 -6.86
C ASN A 597 1.33 -14.28 -5.80
N ALA A 598 1.57 -14.88 -4.63
CA ALA A 598 2.25 -14.18 -3.54
C ALA A 598 3.76 -14.20 -3.77
N LEU A 599 4.35 -13.02 -3.91
CA LEU A 599 5.79 -12.92 -4.00
C LEU A 599 6.42 -13.21 -2.65
N ASP A 600 7.51 -13.96 -2.65
CA ASP A 600 8.24 -14.19 -1.40
C ASP A 600 9.07 -12.96 -1.09
N PRO A 601 8.79 -12.25 0.00
CA PRO A 601 9.61 -11.07 0.31
C PRO A 601 11.02 -11.43 0.73
N VAL A 602 11.24 -12.63 1.28
CA VAL A 602 12.59 -13.03 1.63
C VAL A 602 13.44 -13.21 0.38
N ASP A 603 12.87 -13.82 -0.65
CA ASP A 603 13.58 -13.96 -1.92
C ASP A 603 13.89 -12.60 -2.54
N LEU A 604 12.93 -11.67 -2.48
CA LEU A 604 13.17 -10.34 -2.99
C LEU A 604 14.29 -9.64 -2.22
N ILE A 605 14.29 -9.78 -0.90
CA ILE A 605 15.36 -9.20 -0.09
C ILE A 605 16.71 -9.82 -0.46
N HIS A 606 16.74 -11.14 -0.63
CA HIS A 606 17.99 -11.81 -0.99
C HIS A 606 18.50 -11.34 -2.36
N THR A 607 17.61 -11.21 -3.33
CA THR A 607 18.03 -10.87 -4.70
C THR A 607 18.40 -9.39 -4.82
N PHE A 608 17.50 -8.49 -4.43
CA PHE A 608 17.67 -7.06 -4.67
C PHE A 608 18.05 -6.26 -3.45
N GLY A 609 17.94 -6.82 -2.26
CA GLY A 609 18.25 -6.08 -1.05
C GLY A 609 16.99 -5.50 -0.41
N ALA A 610 17.01 -5.41 0.92
CA ALA A 610 15.88 -4.82 1.63
C ALA A 610 15.71 -3.34 1.26
N ASP A 611 16.83 -2.64 1.04
CA ASP A 611 16.75 -1.22 0.66
C ASP A 611 15.92 -1.05 -0.60
N ALA A 612 16.16 -1.90 -1.61
CA ALA A 612 15.40 -1.80 -2.86
C ALA A 612 13.92 -2.12 -2.64
N LEU A 613 13.62 -3.17 -1.88
CA LEU A 613 12.22 -3.54 -1.64
C LEU A 613 11.48 -2.43 -0.91
N ARG A 614 12.11 -1.85 0.12
CA ARG A 614 11.52 -0.73 0.84
C ARG A 614 11.32 0.47 -0.07
N TRP A 615 12.31 0.78 -0.90
CA TRP A 615 12.17 1.93 -1.78
C TRP A 615 11.03 1.72 -2.76
N ALA A 616 10.92 0.53 -3.34
CA ALA A 616 9.81 0.25 -4.23
C ALA A 616 8.47 0.40 -3.51
N LEU A 617 8.38 -0.13 -2.29
CA LEU A 617 7.13 -0.05 -1.54
C LEU A 617 6.77 1.38 -1.15
N LEU A 618 7.76 2.27 -1.05
CA LEU A 618 7.49 3.63 -0.63
C LEU A 618 7.28 4.59 -1.80
N ALA A 619 7.95 4.37 -2.94
CA ALA A 619 8.03 5.37 -3.98
C ALA A 619 7.22 5.05 -5.23
N ASP A 620 6.93 3.78 -5.51
CA ASP A 620 6.20 3.45 -6.72
C ASP A 620 4.78 3.99 -6.67
N SER A 621 4.15 3.92 -5.50
CA SER A 621 2.79 4.41 -5.33
C SER A 621 2.59 4.78 -3.86
N ALA A 622 1.49 5.48 -3.59
CA ALA A 622 1.16 5.89 -2.24
C ALA A 622 0.70 4.69 -1.43
N PRO A 623 0.79 4.76 -0.10
CA PRO A 623 0.40 3.63 0.75
C PRO A 623 -1.08 3.60 1.16
N TRP A 624 -1.90 4.53 0.69
CA TRP A 624 -3.26 4.66 1.19
C TRP A 624 -4.29 3.83 0.41
N ASN A 625 -4.12 3.71 -0.90
CA ASN A 625 -5.03 2.93 -1.71
C ASN A 625 -4.44 1.56 -2.01
N PRO A 626 -5.25 0.61 -2.50
CA PRO A 626 -4.71 -0.70 -2.89
C PRO A 626 -3.55 -0.53 -3.86
N LYS A 627 -2.51 -1.33 -3.68
CA LYS A 627 -1.23 -1.10 -4.33
C LYS A 627 -0.90 -2.30 -5.20
N LYS A 628 -0.78 -2.08 -6.50
CA LYS A 628 -0.24 -3.08 -7.40
C LYS A 628 1.27 -3.14 -7.22
N PHE A 629 1.82 -4.35 -7.21
CA PHE A 629 3.23 -4.54 -6.92
C PHE A 629 3.78 -5.69 -7.75
N SER A 630 5.08 -5.63 -8.01
CA SER A 630 5.74 -6.61 -8.86
C SER A 630 7.22 -6.64 -8.53
N GLU A 631 7.86 -7.76 -8.91
CA GLU A 631 9.31 -7.85 -8.77
C GLU A 631 10.02 -6.81 -9.63
N ARG A 632 9.43 -6.45 -10.77
CA ARG A 632 10.05 -5.49 -11.67
C ARG A 632 10.28 -4.15 -10.97
N VAL A 633 9.34 -3.71 -10.14
CA VAL A 633 9.47 -2.42 -9.47
C VAL A 633 10.61 -2.46 -8.46
N VAL A 634 10.78 -3.59 -7.77
CA VAL A 634 11.94 -3.75 -6.89
C VAL A 634 13.23 -3.71 -7.70
N GLN A 635 13.23 -4.38 -8.85
CA GLN A 635 14.40 -4.37 -9.73
C GLN A 635 14.76 -2.94 -10.13
N GLU A 636 13.76 -2.17 -10.55
CA GLU A 636 13.99 -0.79 -10.98
C GLU A 636 14.49 0.06 -9.82
N ALA A 637 13.95 -0.16 -8.62
CA ALA A 637 14.45 0.56 -7.45
C ALA A 637 15.93 0.26 -7.23
N LYS A 638 16.30 -1.02 -7.32
CA LYS A 638 17.70 -1.39 -7.10
C LYS A 638 18.60 -0.73 -8.15
N SER A 639 18.23 -0.83 -9.43
CA SER A 639 19.15 -0.37 -10.47
C SER A 639 19.19 1.16 -10.55
N LYS A 640 18.05 1.83 -10.44
CA LYS A 640 17.99 3.27 -10.64
C LYS A 640 18.46 4.05 -9.41
N VAL A 641 18.09 3.60 -8.20
CA VAL A 641 18.31 4.38 -6.98
C VAL A 641 19.45 3.81 -6.14
N ILE A 642 19.33 2.56 -5.68
CA ILE A 642 20.33 2.00 -4.77
C ILE A 642 21.69 1.87 -5.47
N ASP A 643 21.69 1.23 -6.65
CA ASP A 643 22.95 1.03 -7.37
C ASP A 643 23.61 2.35 -7.70
N THR A 644 22.81 3.36 -8.06
CA THR A 644 23.35 4.67 -8.39
C THR A 644 24.09 5.29 -7.19
N LEU A 645 23.45 5.24 -6.02
CA LEU A 645 24.10 5.76 -4.82
C LEU A 645 25.38 4.99 -4.52
N VAL A 646 25.34 3.67 -4.66
CA VAL A 646 26.52 2.85 -4.39
C VAL A 646 27.65 3.20 -5.34
N ASN A 647 27.33 3.42 -6.62
CA ASN A 647 28.36 3.76 -7.60
C ASN A 647 28.97 5.13 -7.31
N VAL A 648 28.15 6.13 -6.97
CA VAL A 648 28.70 7.44 -6.64
C VAL A 648 29.59 7.33 -5.41
N TYR A 649 29.14 6.58 -4.39
CA TYR A 649 29.91 6.41 -3.17
C TYR A 649 31.25 5.74 -3.46
N GLY A 650 31.24 4.67 -4.26
CA GLY A 650 32.48 4.00 -4.60
C GLY A 650 33.43 4.85 -5.42
N PHE A 651 32.89 5.60 -6.38
CA PHE A 651 33.69 6.57 -7.13
C PHE A 651 34.41 7.53 -6.18
N TYR A 652 33.65 8.13 -5.26
CA TYR A 652 34.23 9.05 -4.30
C TYR A 652 35.33 8.39 -3.48
N VAL A 653 35.06 7.18 -2.98
CA VAL A 653 36.03 6.51 -2.09
C VAL A 653 37.30 6.20 -2.86
N LEU A 654 37.17 5.59 -4.05
CA LEU A 654 38.35 5.24 -4.84
C LEU A 654 39.21 6.47 -5.12
N TYR A 655 38.60 7.53 -5.65
CA TYR A 655 39.44 8.65 -6.07
C TYR A 655 39.91 9.49 -4.88
N ALA A 656 39.16 9.53 -3.78
CA ALA A 656 39.66 10.21 -2.59
C ALA A 656 40.85 9.46 -2.00
N LYS A 657 40.83 8.12 -2.05
CA LYS A 657 41.98 7.35 -1.61
C LYS A 657 43.18 7.60 -2.52
N LEU A 658 42.96 7.58 -3.83
CA LEU A 658 44.08 7.78 -4.77
C LEU A 658 44.69 9.17 -4.63
N ASP A 659 43.85 10.20 -4.49
CA ASP A 659 44.34 11.57 -4.36
C ASP A 659 44.63 11.98 -2.92
N GLY A 660 44.45 11.08 -1.95
CA GLY A 660 44.75 11.41 -0.58
C GLY A 660 43.96 12.56 -0.01
N TYR A 661 42.66 12.64 -0.34
CA TYR A 661 41.81 13.68 0.21
C TYR A 661 41.42 13.33 1.65
N ASP A 662 41.55 14.30 2.54
CA ASP A 662 41.21 14.13 3.95
C ASP A 662 40.23 15.22 4.38
N PRO A 663 38.97 14.88 4.67
CA PRO A 663 37.99 15.91 5.05
C PRO A 663 38.36 16.67 6.32
N GLU A 664 39.21 16.09 7.18
CA GLU A 664 39.67 16.82 8.36
C GLU A 664 40.70 17.88 8.02
N GLN A 665 41.40 17.73 6.90
CA GLN A 665 42.39 18.71 6.47
C GLN A 665 41.70 19.89 5.82
N THR A 666 42.23 21.10 6.07
CA THR A 666 41.67 22.32 5.51
C THR A 666 42.38 22.67 4.21
N TYR A 667 41.64 22.67 3.11
CA TYR A 667 42.17 22.97 1.78
C TYR A 667 41.70 24.35 1.33
N GLU A 668 42.43 24.91 0.38
CA GLU A 668 41.92 26.05 -0.37
C GLU A 668 40.92 25.55 -1.41
N LEU A 669 39.73 26.14 -1.42
CA LEU A 669 38.62 25.63 -2.21
C LEU A 669 38.25 26.62 -3.30
N LYS A 670 38.12 26.12 -4.53
CA LYS A 670 37.66 26.90 -5.67
C LYS A 670 36.35 26.29 -6.14
N LYS A 671 35.25 26.68 -5.50
CA LYS A 671 33.96 26.08 -5.78
C LYS A 671 33.42 26.59 -7.11
N THR A 672 33.03 25.67 -7.99
CA THR A 672 32.47 26.01 -9.28
C THR A 672 30.96 26.22 -9.18
N LYS A 673 30.37 26.71 -10.27
CA LYS A 673 28.93 26.91 -10.30
C LYS A 673 28.19 25.59 -10.19
N LEU A 674 28.75 24.52 -10.74
CA LEU A 674 28.13 23.20 -10.63
C LEU A 674 28.12 22.71 -9.18
N ASP A 675 29.21 22.96 -8.45
CA ASP A 675 29.22 22.64 -7.03
C ASP A 675 28.10 23.37 -6.30
N GLU A 676 27.98 24.68 -6.55
CA GLU A 676 26.93 25.48 -5.91
C GLU A 676 25.55 24.95 -6.28
N TRP A 677 25.36 24.57 -7.54
CA TRP A 677 24.05 24.08 -7.97
C TRP A 677 23.68 22.78 -7.27
N ILE A 678 24.62 21.85 -7.18
CA ILE A 678 24.30 20.58 -6.54
C ILE A 678 24.09 20.77 -5.03
N LEU A 679 24.82 21.70 -4.42
CA LEU A 679 24.59 22.00 -3.00
C LEU A 679 23.22 22.63 -2.79
N SER A 680 22.82 23.54 -3.68
CA SER A 680 21.49 24.13 -3.61
C SER A 680 20.41 23.08 -3.75
N ARG A 681 20.57 22.18 -4.72
CA ARG A 681 19.60 21.10 -4.90
C ARG A 681 19.58 20.18 -3.69
N LEU A 682 20.74 19.94 -3.08
CA LEU A 682 20.81 19.12 -1.88
C LEU A 682 19.99 19.71 -0.74
N HIS A 683 20.20 21.00 -0.46
CA HIS A 683 19.50 21.58 0.68
C HIS A 683 18.03 21.83 0.37
N SER A 684 17.69 22.11 -0.90
CA SER A 684 16.28 22.17 -1.27
C SER A 684 15.60 20.82 -1.08
N THR A 685 16.29 19.74 -1.45
CA THR A 685 15.75 18.40 -1.24
C THR A 685 15.59 18.09 0.23
N VAL A 686 16.57 18.50 1.06
CA VAL A 686 16.45 18.34 2.51
C VAL A 686 15.17 19.01 2.99
N LYS A 687 14.94 20.26 2.56
CA LYS A 687 13.77 21.00 3.00
C LYS A 687 12.48 20.33 2.57
N ARG A 688 12.35 20.01 1.28
CA ARG A 688 11.10 19.45 0.77
C ARG A 688 10.84 18.07 1.35
N ALA A 689 11.88 17.24 1.48
CA ALA A 689 11.69 15.91 2.04
C ALA A 689 11.28 15.99 3.51
N THR A 690 11.88 16.91 4.28
CA THR A 690 11.47 17.10 5.66
C THR A 690 10.01 17.53 5.74
N VAL A 691 9.61 18.47 4.88
CA VAL A 691 8.23 18.97 4.92
C VAL A 691 7.26 17.85 4.62
N HIS A 692 7.57 17.01 3.62
CA HIS A 692 6.69 15.87 3.33
C HIS A 692 6.66 14.87 4.47
N LEU A 693 7.82 14.54 5.05
CA LEU A 693 7.85 13.54 6.11
C LEU A 693 7.09 13.99 7.34
N GLU A 694 7.15 15.29 7.66
CA GLU A 694 6.40 15.80 8.79
C GLU A 694 4.90 15.58 8.63
N ASP A 695 4.41 15.48 7.39
CA ASP A 695 3.02 15.17 7.14
C ASP A 695 2.84 13.74 6.64
N TYR A 696 3.79 12.84 6.94
CA TYR A 696 3.66 11.43 6.61
C TYR A 696 3.44 11.22 5.11
N GLY A 697 4.04 12.08 4.30
CA GLY A 697 4.07 11.90 2.86
C GLY A 697 5.32 11.16 2.42
N PHE A 698 5.37 9.85 2.69
CA PHE A 698 6.58 9.09 2.38
C PHE A 698 6.88 9.09 0.88
N THR A 699 5.83 8.93 0.06
CA THR A 699 6.02 8.82 -1.39
C THR A 699 6.62 10.11 -1.95
N SER A 700 6.09 11.27 -1.55
CA SER A 700 6.60 12.53 -2.08
C SER A 700 8.04 12.78 -1.67
N ALA A 701 8.37 12.52 -0.40
CA ALA A 701 9.75 12.70 0.03
C ALA A 701 10.69 11.76 -0.71
N ALA A 702 10.27 10.50 -0.88
CA ALA A 702 11.11 9.55 -1.61
C ALA A 702 11.33 10.00 -3.04
N ARG A 703 10.27 10.47 -3.71
CA ARG A 703 10.41 10.89 -5.11
C ARG A 703 11.31 12.13 -5.22
N GLU A 704 11.21 13.05 -4.28
CA GLU A 704 12.12 14.20 -4.26
C GLU A 704 13.57 13.75 -4.12
N ILE A 705 13.83 12.81 -3.21
CA ILE A 705 15.20 12.34 -3.03
C ILE A 705 15.69 11.64 -4.30
N ALA A 706 14.81 10.88 -4.94
CA ALA A 706 15.18 10.18 -6.17
C ALA A 706 15.54 11.16 -7.28
N VAL A 707 14.79 12.25 -7.39
CA VAL A 707 15.15 13.30 -8.35
C VAL A 707 16.54 13.83 -8.05
N PHE A 708 16.81 14.13 -6.77
CA PHE A 708 18.15 14.63 -6.44
C PHE A 708 19.23 13.62 -6.79
N ILE A 709 18.98 12.34 -6.56
CA ILE A 709 19.98 11.32 -6.85
C ILE A 709 20.24 11.24 -8.35
N GLU A 710 19.18 11.33 -9.16
CA GLU A 710 19.36 11.33 -10.60
C GLU A 710 20.19 12.54 -11.05
N GLU A 711 19.89 13.72 -10.51
CA GLU A 711 20.67 14.92 -10.85
C GLU A 711 22.13 14.76 -10.41
N LEU A 712 22.35 14.21 -9.22
CA LEU A 712 23.70 14.04 -8.71
C LEU A 712 24.52 13.12 -9.60
N SER A 713 23.92 12.02 -10.06
CA SER A 713 24.68 11.06 -10.87
C SER A 713 24.81 11.53 -12.31
N ASN A 714 23.67 11.77 -12.98
CA ASN A 714 23.69 12.04 -14.42
C ASN A 714 24.26 13.41 -14.76
N TRP A 715 24.31 14.34 -13.81
CA TRP A 715 24.79 15.67 -14.14
C TRP A 715 25.99 16.12 -13.31
N TYR A 716 25.92 16.08 -11.98
CA TYR A 716 27.03 16.64 -11.20
C TYR A 716 28.28 15.78 -11.33
N VAL A 717 28.18 14.50 -10.97
CA VAL A 717 29.35 13.63 -11.01
C VAL A 717 29.83 13.43 -12.44
N ARG A 718 28.90 13.21 -13.38
CA ARG A 718 29.31 12.92 -14.75
C ARG A 718 30.07 14.09 -15.35
N ARG A 719 29.62 15.33 -15.08
CA ARG A 719 30.30 16.49 -15.62
C ARG A 719 31.48 16.94 -14.76
N SER A 720 31.64 16.39 -13.56
CA SER A 720 32.77 16.75 -12.71
C SER A 720 33.83 15.66 -12.65
N ARG A 721 33.66 14.57 -13.40
CA ARG A 721 34.60 13.46 -13.36
C ARG A 721 36.05 13.91 -13.58
N ASP A 722 36.27 14.86 -14.49
CA ASP A 722 37.63 15.27 -14.82
C ASP A 722 38.35 15.85 -13.60
N ARG A 723 37.62 16.51 -12.70
CA ARG A 723 38.26 17.07 -11.52
C ARG A 723 38.75 15.99 -10.57
N PHE A 724 38.07 14.85 -10.53
CA PHE A 724 38.56 13.72 -9.76
C PHE A 724 39.65 12.96 -10.50
N TRP A 725 39.57 12.92 -11.83
CA TRP A 725 40.56 12.20 -12.64
C TRP A 725 41.88 12.95 -12.72
N SER A 726 41.84 14.28 -12.63
CA SER A 726 43.03 15.10 -12.79
C SER A 726 44.04 14.80 -11.68
N GLU A 727 45.30 15.16 -11.96
CA GLU A 727 46.40 14.95 -11.02
C GLU A 727 46.78 16.27 -10.37
N GLY A 728 46.91 16.26 -9.05
CA GLY A 728 47.27 17.46 -8.32
C GLY A 728 46.12 18.12 -7.60
N MET A 729 46.31 18.43 -6.32
CA MET A 729 45.24 18.96 -5.48
C MET A 729 45.18 20.48 -5.62
N ASP A 730 44.62 20.92 -6.74
CA ASP A 730 44.32 22.34 -6.92
C ASP A 730 43.03 22.68 -6.16
N GLY A 731 42.66 23.96 -6.21
CA GLY A 731 41.46 24.40 -5.52
C GLY A 731 40.19 23.79 -6.09
N GLU A 732 40.14 23.59 -7.40
CA GLU A 732 38.94 23.06 -8.03
C GLU A 732 38.71 21.59 -7.64
N LYS A 733 39.77 20.78 -7.65
CA LYS A 733 39.63 19.39 -7.23
C LYS A 733 39.23 19.30 -5.76
N ALA A 734 39.83 20.14 -4.92
CA ALA A 734 39.48 20.13 -3.50
C ALA A 734 38.02 20.52 -3.30
N ALA A 735 37.54 21.50 -4.07
CA ALA A 735 36.13 21.87 -3.99
C ALA A 735 35.24 20.71 -4.43
N ALA A 736 35.66 19.98 -5.46
CA ALA A 736 34.89 18.82 -5.91
C ALA A 736 34.78 17.78 -4.81
N TYR A 737 35.91 17.45 -4.18
CA TYR A 737 35.91 16.47 -3.10
C TYR A 737 35.07 16.94 -1.92
N ASP A 738 35.21 18.21 -1.54
CA ASP A 738 34.43 18.76 -0.43
C ASP A 738 32.93 18.69 -0.73
N THR A 739 32.55 19.07 -1.95
CA THR A 739 31.14 19.06 -2.33
C THR A 739 30.58 17.65 -2.28
N LEU A 740 31.31 16.68 -2.85
CA LEU A 740 30.81 15.31 -2.89
C LEU A 740 30.76 14.69 -1.50
N HIS A 741 31.72 15.04 -0.64
CA HIS A 741 31.69 14.55 0.74
C HIS A 741 30.46 15.07 1.48
N GLU A 742 30.18 16.37 1.35
CA GLU A 742 28.99 16.92 1.99
C GLU A 742 27.72 16.27 1.44
N VAL A 743 27.65 16.11 0.12
CA VAL A 743 26.47 15.53 -0.49
C VAL A 743 26.27 14.10 -0.01
N LEU A 744 27.34 13.31 0.04
CA LEU A 744 27.20 11.91 0.45
C LEU A 744 26.78 11.81 1.92
N VAL A 745 27.39 12.59 2.81
CA VAL A 745 27.03 12.53 4.22
C VAL A 745 25.57 12.92 4.42
N THR A 746 25.18 14.09 3.87
CA THR A 746 23.83 14.60 4.08
C THR A 746 22.78 13.72 3.40
N LEU A 747 23.08 13.22 2.20
CA LEU A 747 22.16 12.34 1.50
C LEU A 747 21.96 11.03 2.25
N SER A 748 23.05 10.43 2.74
CA SER A 748 22.90 9.20 3.51
C SER A 748 22.07 9.45 4.76
N GLN A 749 22.25 10.62 5.39
CA GLN A 749 21.39 10.95 6.52
C GLN A 749 19.93 11.09 6.11
N LEU A 750 19.67 11.73 4.97
CA LEU A 750 18.30 11.87 4.48
C LEU A 750 17.68 10.50 4.23
N LEU A 751 18.47 9.57 3.72
CA LEU A 751 17.98 8.24 3.33
C LEU A 751 17.89 7.27 4.49
N ALA A 752 18.45 7.60 5.65
CA ALA A 752 18.51 6.65 6.76
C ALA A 752 17.16 6.03 7.10
N PRO A 753 16.06 6.79 7.21
CA PRO A 753 14.77 6.13 7.46
C PRO A 753 14.30 5.27 6.30
N PHE A 754 14.66 5.63 5.07
CA PHE A 754 14.13 4.93 3.91
C PHE A 754 14.91 3.64 3.63
N THR A 755 16.22 3.77 3.41
CA THR A 755 17.09 2.67 3.00
C THR A 755 18.20 2.53 4.05
N PRO A 756 17.90 1.92 5.20
CA PRO A 756 18.83 1.98 6.34
C PRO A 756 20.19 1.34 6.09
N PHE A 757 20.25 0.25 5.33
CA PHE A 757 21.51 -0.47 5.16
C PHE A 757 22.52 0.37 4.37
N VAL A 758 22.18 0.75 3.14
CA VAL A 758 23.14 1.46 2.31
C VAL A 758 23.46 2.82 2.90
N ALA A 759 22.46 3.46 3.51
CA ALA A 759 22.69 4.74 4.17
C ALA A 759 23.74 4.59 5.27
N ASP A 760 23.63 3.54 6.10
CA ASP A 760 24.63 3.36 7.13
C ASP A 760 25.98 2.99 6.53
N ASP A 761 26.01 2.19 5.47
CA ASP A 761 27.29 1.84 4.84
C ASP A 761 28.04 3.11 4.44
N VAL A 762 27.37 3.98 3.69
CA VAL A 762 28.00 5.22 3.23
C VAL A 762 28.39 6.10 4.43
N HIS A 763 27.42 6.36 5.32
CA HIS A 763 27.67 7.31 6.40
C HIS A 763 28.76 6.82 7.35
N GLU A 764 28.74 5.54 7.73
CA GLU A 764 29.71 5.02 8.68
C GLU A 764 31.09 4.96 8.06
N ASN A 765 31.20 4.56 6.79
CA ASN A 765 32.52 4.57 6.18
C ASN A 765 33.07 5.97 6.01
N LEU A 766 32.21 6.97 5.80
CA LEU A 766 32.71 8.33 5.59
C LEU A 766 32.92 9.11 6.88
N THR A 767 32.23 8.76 7.97
CA THR A 767 32.29 9.52 9.20
C THR A 767 32.76 8.72 10.41
N GLY A 768 32.79 7.40 10.33
CA GLY A 768 33.10 6.57 11.48
C GLY A 768 31.94 6.38 12.44
N LYS A 769 30.78 6.98 12.16
CA LYS A 769 29.64 6.95 13.06
C LYS A 769 28.42 6.40 12.30
N SER A 770 27.59 5.66 13.01
CA SER A 770 26.37 5.13 12.40
C SER A 770 25.41 6.26 12.08
N VAL A 771 24.79 6.18 10.89
CA VAL A 771 23.84 7.19 10.47
C VAL A 771 22.58 7.17 11.33
N HIS A 772 22.28 6.04 11.96
CA HIS A 772 21.06 5.93 12.75
C HIS A 772 21.21 6.47 14.15
N LEU A 773 22.41 6.90 14.53
CA LEU A 773 22.64 7.66 15.75
C LEU A 773 22.74 9.16 15.48
N ALA A 774 22.47 9.58 14.25
CA ALA A 774 22.68 10.96 13.82
C ALA A 774 21.37 11.74 13.83
N ASP A 775 21.50 13.06 13.76
CA ASP A 775 20.34 13.94 13.62
C ASP A 775 19.97 14.07 12.16
N TYR A 776 18.67 14.23 11.91
CA TYR A 776 18.23 14.49 10.56
C TYR A 776 18.79 15.85 10.11
N PRO A 777 19.34 15.94 8.90
CA PRO A 777 20.02 17.18 8.51
C PRO A 777 19.05 18.35 8.39
N ALA A 778 19.55 19.53 8.71
CA ALA A 778 18.81 20.77 8.58
C ALA A 778 19.14 21.44 7.26
N CYS A 779 18.14 22.10 6.67
CA CYS A 779 18.36 22.85 5.44
C CYS A 779 19.16 24.11 5.73
N ASP A 780 20.31 24.26 5.06
CA ASP A 780 21.11 25.48 5.16
C ASP A 780 20.64 26.42 4.05
N GLN A 781 19.75 27.35 4.41
CA GLN A 781 19.17 28.24 3.41
C GLN A 781 20.22 29.09 2.72
N THR A 782 21.34 29.36 3.39
CA THR A 782 22.40 30.15 2.77
C THR A 782 23.02 29.44 1.57
N LYS A 783 22.86 28.12 1.47
CA LYS A 783 23.33 27.37 0.32
C LYS A 783 22.26 27.16 -0.73
N VAL A 784 21.03 27.64 -0.49
CA VAL A 784 19.97 27.52 -1.47
C VAL A 784 20.07 28.68 -2.45
N ASN A 785 20.10 28.36 -3.75
CA ASN A 785 20.21 29.36 -4.81
C ASN A 785 19.09 29.06 -5.82
N GLU A 786 17.94 29.72 -5.62
CA GLU A 786 16.78 29.44 -6.46
C GLU A 786 17.03 29.82 -7.91
N LYS A 787 17.70 30.96 -8.14
CA LYS A 787 17.97 31.39 -9.51
C LYS A 787 18.86 30.39 -10.24
N LEU A 788 19.92 29.92 -9.56
CA LEU A 788 20.83 28.96 -10.19
C LEU A 788 20.11 27.65 -10.50
N GLU A 789 19.22 27.20 -9.61
CA GLU A 789 18.44 26.00 -9.87
C GLU A 789 17.54 26.18 -11.08
N LYS A 790 16.84 27.32 -11.16
CA LYS A 790 15.96 27.57 -12.30
C LYS A 790 16.74 27.59 -13.61
N GLU A 791 17.89 28.27 -13.61
CA GLU A 791 18.70 28.36 -14.82
C GLU A 791 19.24 26.99 -15.23
N MET A 792 19.70 26.20 -14.26
CA MET A 792 20.23 24.88 -14.57
C MET A 792 19.13 23.97 -15.12
N ALA A 793 17.91 24.09 -14.59
CA ALA A 793 16.80 23.32 -15.13
C ALA A 793 16.51 23.71 -16.57
N ALA A 794 16.55 25.01 -16.87
CA ALA A 794 16.36 25.45 -18.25
C ALA A 794 17.46 24.89 -19.16
N VAL A 795 18.69 24.91 -18.67
CA VAL A 795 19.82 24.36 -19.44
C VAL A 795 19.61 22.88 -19.73
N LEU A 796 19.14 22.13 -18.72
CA LEU A 796 18.86 20.71 -18.92
C LEU A 796 17.79 20.51 -20.00
N GLN A 797 16.76 21.36 -19.98
CA GLN A 797 15.72 21.23 -21.01
C GLN A 797 16.29 21.47 -22.41
N VAL A 798 17.18 22.46 -22.54
CA VAL A 798 17.80 22.74 -23.83
C VAL A 798 18.67 21.58 -24.27
N VAL A 799 19.44 21.02 -23.34
CA VAL A 799 20.30 19.88 -23.67
C VAL A 799 19.45 18.71 -24.14
N GLU A 800 18.32 18.47 -23.49
CA GLU A 800 17.46 17.36 -23.90
C GLU A 800 16.87 17.61 -25.30
N LEU A 801 16.47 18.85 -25.59
CA LEU A 801 15.99 19.15 -26.93
C LEU A 801 17.08 18.91 -27.98
N GLY A 802 18.31 19.34 -27.68
CA GLY A 802 19.40 19.14 -28.63
C GLY A 802 19.70 17.67 -28.86
N ARG A 803 19.70 16.87 -27.79
N ARG A 803 19.72 16.88 -27.78
CA ARG A 803 19.93 15.43 -27.95
CA ARG A 803 19.91 15.44 -27.92
C ARG A 803 18.80 14.78 -28.75
C ARG A 803 18.81 14.81 -28.75
N SER A 804 17.57 15.25 -28.56
CA SER A 804 16.45 14.73 -29.34
C SER A 804 16.63 15.01 -30.83
N ILE A 805 17.07 16.23 -31.17
CA ILE A 805 17.33 16.54 -32.59
C ILE A 805 18.44 15.67 -33.13
N ARG A 806 19.52 15.51 -32.36
CA ARG A 806 20.64 14.71 -32.83
C ARG A 806 20.21 13.25 -33.07
N ASN A 807 19.39 12.71 -32.17
CA ASN A 807 18.94 11.32 -32.33
C ASN A 807 18.00 11.18 -33.51
N THR A 808 17.10 12.14 -33.69
CA THR A 808 16.16 12.07 -34.81
C THR A 808 16.89 12.05 -36.15
N HIS A 809 18.01 12.75 -36.25
CA HIS A 809 18.74 12.88 -37.50
C HIS A 809 20.03 12.06 -37.51
N SER A 810 20.14 11.08 -36.61
CA SER A 810 21.25 10.12 -36.60
C SER A 810 22.60 10.82 -36.60
N LEU A 811 22.72 11.84 -35.76
CA LEU A 811 23.96 12.60 -35.63
C LEU A 811 24.52 12.34 -34.24
N LYS A 812 25.43 11.36 -34.16
CA LYS A 812 26.03 10.99 -32.89
C LYS A 812 26.75 12.17 -32.27
N VAL A 813 26.67 12.28 -30.94
CA VAL A 813 27.23 13.42 -30.24
C VAL A 813 28.75 13.51 -30.44
N LYS A 814 29.40 12.40 -30.76
CA LYS A 814 30.83 12.48 -31.07
C LYS A 814 31.11 13.26 -32.34
N GLN A 815 30.12 13.44 -33.21
CA GLN A 815 30.29 14.22 -34.43
C GLN A 815 30.01 15.69 -34.14
N PRO A 816 31.00 16.58 -34.19
CA PRO A 816 30.73 17.99 -33.94
C PRO A 816 29.82 18.59 -35.01
N LEU A 817 29.00 19.53 -34.59
CA LEU A 817 28.09 20.25 -35.46
C LEU A 817 28.34 21.75 -35.32
N GLN A 818 27.90 22.51 -36.32
CA GLN A 818 28.33 23.90 -36.43
C GLN A 818 27.67 24.79 -35.36
N SER A 819 26.36 24.68 -35.18
CA SER A 819 25.71 25.64 -34.30
C SER A 819 24.40 25.10 -33.74
N LEU A 820 24.06 25.60 -32.55
CA LEU A 820 22.73 25.51 -31.97
C LEU A 820 22.20 26.92 -31.73
N SER A 821 21.00 27.18 -32.23
CA SER A 821 20.30 28.43 -31.98
C SER A 821 19.12 28.16 -31.07
N LEU A 822 19.01 28.93 -30.00
CA LEU A 822 17.94 28.79 -29.04
C LEU A 822 17.03 30.01 -29.18
N VAL A 823 15.83 29.79 -29.70
CA VAL A 823 14.80 30.83 -29.74
C VAL A 823 14.09 30.84 -28.40
N VAL A 824 14.17 31.99 -27.71
CA VAL A 824 13.57 32.21 -26.41
C VAL A 824 12.77 33.50 -26.47
N THR A 825 11.61 33.51 -25.81
CA THR A 825 10.76 34.69 -25.84
C THR A 825 11.16 35.73 -24.80
N GLU A 826 11.76 35.32 -23.69
CA GLU A 826 12.06 36.22 -22.59
C GLU A 826 13.48 36.02 -22.09
N GLU A 827 14.04 37.09 -21.53
CA GLU A 827 15.39 37.05 -20.95
C GLU A 827 15.35 36.56 -19.51
N ASP A 828 14.74 35.40 -19.31
CA ASP A 828 14.67 34.82 -17.97
C ASP A 828 16.03 34.32 -17.49
N VAL A 829 16.77 33.64 -18.36
CA VAL A 829 17.96 32.90 -17.98
C VAL A 829 19.18 33.59 -18.56
N GLU A 830 20.22 33.73 -17.72
CA GLU A 830 21.51 34.27 -18.16
C GLU A 830 22.26 33.18 -18.93
N TRP A 831 21.87 33.03 -20.20
CA TRP A 831 22.38 31.92 -21.02
C TRP A 831 23.89 31.96 -21.18
N LYS A 832 24.48 33.15 -21.17
CA LYS A 832 25.92 33.28 -21.39
C LYS A 832 26.70 32.39 -20.43
N ALA A 833 26.33 32.41 -19.16
CA ALA A 833 27.06 31.68 -18.12
C ALA A 833 27.05 30.18 -18.34
N TYR A 834 26.17 29.67 -19.22
CA TYR A 834 26.09 28.24 -19.48
C TYR A 834 26.53 27.87 -20.89
N ARG A 835 26.97 28.85 -21.69
CA ARG A 835 27.34 28.60 -23.09
C ARG A 835 28.25 27.39 -23.19
N ASP A 836 29.38 27.43 -22.48
CA ASP A 836 30.34 26.33 -22.53
C ASP A 836 29.66 24.99 -22.28
N VAL A 837 28.88 24.90 -21.19
CA VAL A 837 28.25 23.63 -20.86
C VAL A 837 27.42 23.15 -22.03
N ILE A 838 26.59 24.04 -22.59
CA ILE A 838 25.73 23.62 -23.70
C ILE A 838 26.57 23.17 -24.87
N LYS A 839 27.60 23.96 -25.21
CA LYS A 839 28.44 23.59 -26.34
C LYS A 839 29.15 22.28 -26.07
N ASP A 840 29.46 22.00 -24.80
CA ASP A 840 30.08 20.72 -24.47
C ASP A 840 29.08 19.59 -24.67
N GLU A 841 27.85 19.76 -24.16
CA GLU A 841 26.94 18.64 -24.07
C GLU A 841 26.40 18.25 -25.44
N LEU A 842 26.16 19.23 -26.31
CA LEU A 842 25.66 18.98 -27.64
C LEU A 842 26.75 18.96 -28.71
N ASN A 843 27.99 19.27 -28.34
CA ASN A 843 29.13 19.29 -29.28
C ASN A 843 28.85 20.20 -30.48
N VAL A 844 28.69 21.48 -30.20
CA VAL A 844 28.46 22.48 -31.23
C VAL A 844 29.50 23.58 -31.09
N LYS A 845 29.91 24.14 -32.22
CA LYS A 845 30.93 25.20 -32.19
C LYS A 845 30.36 26.53 -31.71
N ASN A 846 29.08 26.78 -31.95
CA ASN A 846 28.45 28.05 -31.61
C ASN A 846 27.11 27.83 -30.94
N PHE A 847 26.83 28.62 -29.91
CA PHE A 847 25.53 28.63 -29.24
C PHE A 847 25.00 30.06 -29.30
N ASN A 848 23.91 30.26 -30.04
CA ASN A 848 23.39 31.58 -30.30
C ASN A 848 21.96 31.69 -29.77
N VAL A 849 21.69 32.73 -29.00
CA VAL A 849 20.36 32.95 -28.42
C VAL A 849 19.65 34.01 -29.26
N GLU A 850 18.49 33.63 -29.81
CA GLU A 850 17.69 34.51 -30.64
C GLU A 850 16.33 34.73 -29.98
N GLN A 851 15.73 35.89 -30.28
CA GLN A 851 14.41 36.24 -29.78
C GLN A 851 13.31 35.88 -30.76
N ASP A 852 13.66 35.48 -31.99
CA ASP A 852 12.69 35.13 -33.01
C ASP A 852 13.32 34.09 -33.93
N ASP A 853 12.46 33.42 -34.71
CA ASP A 853 12.90 32.40 -35.63
C ASP A 853 13.02 32.91 -37.06
N ASP A 854 13.07 34.24 -37.24
CA ASP A 854 13.05 34.82 -38.58
C ASP A 854 14.23 34.33 -39.42
N LYS A 855 15.41 34.25 -38.83
CA LYS A 855 16.60 33.83 -39.55
C LYS A 855 16.73 32.32 -39.68
N LEU A 856 15.80 31.55 -39.13
CA LEU A 856 15.95 30.11 -39.04
C LEU A 856 14.86 29.31 -39.75
N VAL A 857 13.78 29.95 -40.22
CA VAL A 857 12.68 29.23 -40.83
C VAL A 857 12.26 29.90 -42.14
N SER A 858 11.53 29.14 -42.94
CA SER A 858 10.91 29.59 -44.18
C SER A 858 9.48 29.08 -44.23
N TYR A 859 8.73 29.52 -45.23
CA TYR A 859 7.32 29.17 -45.35
C TYR A 859 7.04 28.51 -46.69
N VAL A 860 6.25 27.45 -46.64
CA VAL A 860 5.83 26.68 -47.81
C VAL A 860 4.31 26.69 -47.85
N LEU A 861 3.76 26.99 -49.02
CA LEU A 861 2.33 27.21 -49.18
C LEU A 861 1.69 26.06 -49.97
N LYS A 862 0.48 25.69 -49.58
CA LYS A 862 -0.28 24.64 -50.24
C LYS A 862 -1.74 25.07 -50.21
N LEU A 863 -2.61 24.33 -50.90
CA LEU A 863 -4.02 24.67 -50.99
C LEU A 863 -4.84 23.74 -50.10
N ASP A 864 -5.81 24.31 -49.38
CA ASP A 864 -6.74 23.53 -48.56
C ASP A 864 -7.92 23.15 -49.44
N PHE A 865 -7.95 21.89 -49.89
CA PHE A 865 -9.00 21.44 -50.80
C PHE A 865 -10.37 21.51 -50.16
N LYS A 866 -10.49 21.07 -48.91
CA LYS A 866 -11.78 21.00 -48.24
C LYS A 866 -12.44 22.37 -48.13
N GLN A 867 -11.66 23.45 -48.24
CA GLN A 867 -12.19 24.80 -48.10
C GLN A 867 -12.26 25.58 -49.40
N ALA A 868 -11.58 25.12 -50.46
CA ALA A 868 -11.49 25.90 -51.69
C ALA A 868 -11.74 25.11 -52.96
N GLY A 869 -12.15 23.84 -52.87
CA GLY A 869 -12.44 23.04 -54.04
C GLY A 869 -13.42 23.68 -55.01
N PRO A 870 -14.64 23.97 -54.55
CA PRO A 870 -15.65 24.54 -55.47
C PRO A 870 -15.24 25.87 -56.08
N LYS A 871 -14.53 26.72 -55.35
CA LYS A 871 -14.21 28.06 -55.86
C LYS A 871 -13.37 27.98 -57.13
N PHE A 872 -12.32 27.16 -57.11
CA PHE A 872 -11.41 27.08 -58.24
C PHE A 872 -11.75 25.97 -59.23
N GLY A 873 -12.65 25.04 -58.86
CA GLY A 873 -13.16 24.09 -59.83
C GLY A 873 -12.07 23.20 -60.41
N LYS A 874 -11.96 23.21 -61.75
CA LYS A 874 -10.93 22.43 -62.41
C LYS A 874 -9.53 22.99 -62.16
N GLN A 875 -9.42 24.31 -61.94
CA GLN A 875 -8.13 24.96 -61.73
C GLN A 875 -7.52 24.67 -60.36
N VAL A 876 -8.12 23.80 -59.54
CA VAL A 876 -7.66 23.65 -58.16
C VAL A 876 -6.23 23.09 -58.13
N ASN A 877 -5.94 22.08 -58.95
CA ASN A 877 -4.63 21.46 -58.92
C ASN A 877 -3.57 22.40 -59.49
N GLU A 878 -3.93 23.17 -60.52
CA GLU A 878 -3.01 24.18 -61.05
C GLU A 878 -2.72 25.24 -60.00
N VAL A 879 -3.74 25.68 -59.26
CA VAL A 879 -3.53 26.65 -58.19
C VAL A 879 -2.64 26.08 -57.11
N ASN A 880 -2.84 24.81 -56.74
CA ASN A 880 -2.00 24.19 -55.73
C ASN A 880 -0.55 24.10 -56.19
N GLN A 881 -0.31 23.74 -57.46
CA GLN A 881 1.05 23.68 -57.96
C GLN A 881 1.68 25.08 -57.98
N ALA A 882 0.90 26.09 -58.37
CA ALA A 882 1.40 27.47 -58.30
C ALA A 882 1.74 27.86 -56.86
N LEU A 883 0.94 27.40 -55.89
CA LEU A 883 1.24 27.67 -54.49
C LEU A 883 2.53 26.97 -54.06
N LYS A 884 2.73 25.73 -54.46
CA LYS A 884 3.97 25.02 -54.14
C LYS A 884 5.15 25.62 -54.90
N ASN A 885 4.88 26.43 -55.91
CA ASN A 885 5.94 27.04 -56.70
C ASN A 885 6.37 28.43 -56.22
N LEU A 886 5.67 29.04 -55.26
CA LEU A 886 6.06 30.42 -54.94
C LEU A 886 7.38 30.43 -54.16
N SER A 887 8.02 31.59 -54.18
CA SER A 887 9.30 31.78 -53.52
C SER A 887 9.12 31.84 -52.01
N GLU A 888 10.25 31.77 -51.30
CA GLU A 888 10.24 31.90 -49.85
C GLU A 888 9.66 33.24 -49.42
N GLU A 889 10.10 34.32 -50.08
CA GLU A 889 9.62 35.65 -49.72
C GLU A 889 8.13 35.80 -49.99
N LYS A 890 7.62 35.11 -51.02
CA LYS A 890 6.17 35.13 -51.26
C LYS A 890 5.42 34.47 -50.11
N GLY A 891 5.94 33.36 -49.58
CA GLY A 891 5.31 32.74 -48.43
C GLY A 891 5.35 33.61 -47.19
N LYS A 892 6.49 34.25 -46.94
CA LYS A 892 6.56 35.21 -45.84
C LYS A 892 5.55 36.34 -46.03
N GLU A 893 5.42 36.81 -47.28
CA GLU A 893 4.46 37.86 -47.59
C GLU A 893 3.03 37.40 -47.30
N PHE A 894 2.69 36.17 -47.67
CA PHE A 894 1.34 35.69 -47.37
C PHE A 894 1.11 35.60 -45.86
N VAL A 895 2.13 35.13 -45.13
CA VAL A 895 1.98 35.01 -43.68
C VAL A 895 1.74 36.37 -43.04
N GLU A 896 2.41 37.41 -43.56
CA GLU A 896 2.20 38.75 -43.02
C GLU A 896 0.88 39.36 -43.48
N GLN A 897 0.65 39.40 -44.79
CA GLN A 897 -0.51 40.09 -45.34
C GLN A 897 -1.80 39.31 -45.12
N GLY A 898 -1.79 38.02 -45.40
CA GLY A 898 -2.97 37.20 -45.38
C GLY A 898 -3.69 37.09 -46.71
N LYS A 899 -3.45 38.02 -47.64
CA LYS A 899 -4.06 37.99 -48.95
C LYS A 899 -3.01 37.61 -49.99
N LEU A 900 -3.40 36.77 -50.95
CA LEU A 900 -2.48 36.29 -51.95
C LEU A 900 -3.19 36.13 -53.28
N SER A 901 -2.41 36.17 -54.36
CA SER A 901 -2.91 35.87 -55.69
C SER A 901 -1.89 34.99 -56.42
N VAL A 902 -2.41 34.10 -57.25
CA VAL A 902 -1.59 33.19 -58.05
C VAL A 902 -1.89 33.43 -59.52
N THR A 903 -0.83 33.57 -60.32
CA THR A 903 -0.96 33.74 -61.77
C THR A 903 -0.75 32.37 -62.42
N LEU A 904 -1.84 31.79 -62.93
CA LEU A 904 -1.76 30.46 -63.51
C LEU A 904 -1.04 30.50 -64.86
N ALA A 905 -0.90 29.32 -65.48
CA ALA A 905 -0.13 29.20 -66.71
C ALA A 905 -0.75 30.01 -67.84
N SER A 906 -2.09 29.96 -67.97
CA SER A 906 -2.78 30.69 -69.03
C SER A 906 -2.65 32.20 -68.90
N GLY A 907 -2.06 32.70 -67.81
CA GLY A 907 -2.04 34.11 -67.52
C GLY A 907 -3.15 34.55 -66.57
N GLU A 908 -4.15 33.70 -66.35
CA GLU A 908 -5.23 34.03 -65.44
C GLU A 908 -4.72 34.20 -64.02
N ASN A 909 -5.16 35.27 -63.36
CA ASN A 909 -4.81 35.55 -61.98
C ASN A 909 -6.00 35.27 -61.08
N LEU A 910 -5.73 34.62 -59.96
CA LEU A 910 -6.78 34.21 -59.03
C LEU A 910 -6.43 34.68 -57.62
N THR A 911 -7.45 35.06 -56.86
CA THR A 911 -7.30 35.51 -55.48
C THR A 911 -7.56 34.36 -54.52
N LEU A 912 -6.73 34.26 -53.48
CA LEU A 912 -6.80 33.19 -52.50
C LEU A 912 -7.16 33.78 -51.14
N GLU A 913 -8.16 33.19 -50.49
CA GLU A 913 -8.51 33.59 -49.14
C GLU A 913 -7.55 32.96 -48.14
N THR A 914 -7.54 33.52 -46.93
CA THR A 914 -6.69 32.97 -45.87
C THR A 914 -7.02 31.50 -45.62
N GLU A 915 -8.31 31.19 -45.52
CA GLU A 915 -8.73 29.82 -45.25
C GLU A 915 -8.37 28.86 -46.39
N ASP A 916 -8.12 29.39 -47.59
CA ASP A 916 -7.82 28.53 -48.73
C ASP A 916 -6.41 27.96 -48.67
N VAL A 917 -5.46 28.69 -48.05
CA VAL A 917 -4.04 28.34 -48.09
C VAL A 917 -3.67 27.63 -46.79
N LEU A 918 -3.02 26.47 -46.92
CA LEU A 918 -2.38 25.80 -45.80
C LEU A 918 -0.92 26.24 -45.74
N VAL A 919 -0.51 26.74 -44.59
CA VAL A 919 0.83 27.28 -44.38
C VAL A 919 1.66 26.24 -43.62
N GLU A 920 2.91 26.07 -44.05
CA GLU A 920 3.85 25.21 -43.34
C GLU A 920 5.10 26.00 -43.04
N LYS A 921 5.50 26.03 -41.77
CA LYS A 921 6.77 26.64 -41.38
C LYS A 921 7.82 25.54 -41.35
N VAL A 922 8.81 25.63 -42.24
CA VAL A 922 9.87 24.63 -42.34
C VAL A 922 11.17 25.23 -41.84
N PRO A 923 12.07 24.44 -41.26
CA PRO A 923 13.39 24.97 -40.92
C PRO A 923 14.19 25.25 -42.18
N LYS A 924 15.08 26.24 -42.08
CA LYS A 924 15.94 26.57 -43.21
C LYS A 924 16.85 25.38 -43.55
N GLU A 925 17.27 25.33 -44.81
CA GLU A 925 18.00 24.17 -45.31
C GLU A 925 19.24 23.89 -44.47
N GLY A 926 19.41 22.63 -44.09
CA GLY A 926 20.49 22.22 -43.21
C GLY A 926 20.18 22.29 -41.73
N PHE A 927 19.00 22.79 -41.35
CA PHE A 927 18.65 22.99 -39.95
C PHE A 927 17.50 22.07 -39.55
N ALA A 928 17.48 21.69 -38.28
CA ALA A 928 16.42 20.86 -37.72
C ALA A 928 15.96 21.45 -36.39
N VAL A 929 14.69 21.23 -36.07
CA VAL A 929 14.03 21.99 -35.00
C VAL A 929 13.39 21.02 -34.02
N ALA A 930 13.57 21.28 -32.72
CA ALA A 930 12.74 20.70 -31.68
C ALA A 930 12.31 21.81 -30.73
N SER A 931 11.12 21.69 -30.18
CA SER A 931 10.59 22.75 -29.32
C SER A 931 9.72 22.14 -28.24
N ASN A 932 9.83 22.68 -27.03
CA ASN A 932 8.93 22.36 -25.92
C ASN A 932 7.93 23.46 -25.64
N GLY A 933 7.78 24.42 -26.56
CA GLY A 933 6.95 25.59 -26.35
C GLY A 933 7.74 26.76 -25.80
N MET A 934 8.35 26.58 -24.62
CA MET A 934 9.17 27.64 -24.04
C MET A 934 10.44 27.87 -24.85
N TYR A 935 11.13 26.80 -25.20
CA TYR A 935 12.43 26.87 -25.85
C TYR A 935 12.33 26.21 -27.22
N THR A 936 12.97 26.83 -28.22
CA THR A 936 13.13 26.16 -29.51
C THR A 936 14.60 26.00 -29.81
N ALA A 937 15.05 24.75 -29.94
CA ALA A 937 16.40 24.44 -30.36
C ALA A 937 16.39 24.20 -31.86
N VAL A 938 17.26 24.92 -32.56
CA VAL A 938 17.48 24.74 -33.98
C VAL A 938 18.94 24.33 -34.14
N LEU A 939 19.16 23.13 -34.65
CA LEU A 939 20.49 22.55 -34.80
C LEU A 939 20.89 22.61 -36.27
N ASP A 940 22.12 23.06 -36.52
CA ASP A 940 22.67 23.03 -37.87
C ASP A 940 23.21 21.62 -38.12
N THR A 941 22.47 20.83 -38.89
CA THR A 941 22.83 19.45 -39.19
C THR A 941 23.71 19.31 -40.42
N ALA A 942 24.03 20.41 -41.09
CA ALA A 942 24.82 20.33 -42.31
C ALA A 942 26.26 19.99 -41.98
N LEU A 943 26.79 18.98 -42.68
CA LEU A 943 28.13 18.47 -42.44
C LEU A 943 29.10 18.97 -43.50
N THR A 944 30.27 19.42 -43.07
CA THR A 944 31.36 19.78 -43.96
C THR A 944 32.48 18.75 -43.84
N GLU A 945 33.42 18.82 -44.78
CA GLU A 945 34.60 17.95 -44.71
C GLU A 945 35.39 18.22 -43.43
N GLU A 946 35.50 19.49 -43.05
CA GLU A 946 36.25 19.83 -41.84
C GLU A 946 35.59 19.26 -40.59
N LEU A 947 34.27 19.31 -40.50
CA LEU A 947 33.57 18.75 -39.35
C LEU A 947 33.73 17.24 -39.28
N VAL A 948 33.57 16.56 -40.42
CA VAL A 948 33.73 15.11 -40.47
C VAL A 948 35.16 14.71 -40.09
N GLN A 949 36.15 15.49 -40.56
CA GLN A 949 37.54 15.18 -40.27
C GLN A 949 37.88 15.42 -38.80
N GLU A 950 37.29 16.47 -38.21
CA GLU A 950 37.45 16.65 -36.76
C GLU A 950 36.85 15.48 -36.00
N GLY A 951 35.68 15.00 -36.43
CA GLY A 951 35.10 13.82 -35.81
C GLY A 951 36.00 12.61 -35.92
N VAL A 952 36.63 12.41 -37.08
CA VAL A 952 37.54 11.29 -37.26
C VAL A 952 38.76 11.44 -36.35
N ALA A 953 39.25 12.68 -36.18
CA ALA A 953 40.37 12.91 -35.27
C ALA A 953 39.99 12.60 -33.83
N ARG A 954 38.77 12.99 -33.42
CA ARG A 954 38.31 12.64 -32.09
C ARG A 954 38.23 11.14 -31.90
N GLU A 955 37.73 10.43 -32.92
CA GLU A 955 37.65 8.97 -32.83
C GLU A 955 39.05 8.36 -32.71
N VAL A 956 40.02 8.91 -33.45
CA VAL A 956 41.40 8.42 -33.34
C VAL A 956 41.92 8.66 -31.93
N ILE A 957 41.67 9.84 -31.37
CA ILE A 957 42.13 10.14 -30.01
C ILE A 957 41.55 9.13 -29.02
N ARG A 958 40.26 8.86 -29.14
CA ARG A 958 39.62 7.91 -28.23
C ARG A 958 40.19 6.50 -28.40
N ALA A 959 40.40 6.08 -29.65
CA ALA A 959 40.97 4.75 -29.89
C ALA A 959 42.35 4.63 -29.28
N VAL A 960 43.18 5.67 -29.41
CA VAL A 960 44.52 5.64 -28.85
C VAL A 960 44.46 5.58 -27.33
N GLN A 961 43.56 6.37 -26.72
CA GLN A 961 43.42 6.33 -25.26
C GLN A 961 43.00 4.96 -24.76
N ASP A 962 42.04 4.33 -25.47
CA ASP A 962 41.61 2.99 -25.08
C ASP A 962 42.75 1.99 -25.21
N TYR A 963 43.52 2.07 -26.29
CA TYR A 963 44.67 1.19 -26.44
C TYR A 963 45.70 1.40 -25.33
N ARG A 964 45.91 2.66 -24.95
CA ARG A 964 46.85 2.94 -23.86
C ARG A 964 46.38 2.31 -22.54
N LYS A 965 45.08 2.41 -22.25
CA LYS A 965 44.56 1.78 -21.04
C LYS A 965 44.69 0.27 -21.10
N LYS A 966 44.44 -0.32 -22.28
CA LYS A 966 44.48 -1.78 -22.41
C LYS A 966 45.87 -2.33 -22.14
N LEU A 967 46.90 -1.60 -22.53
CA LEU A 967 48.29 -2.06 -22.38
C LEU A 967 48.87 -1.75 -21.02
N ASP A 968 48.11 -1.13 -20.12
CA ASP A 968 48.54 -0.84 -18.75
C ASP A 968 49.84 -0.02 -18.74
N LEU A 969 49.74 1.18 -19.29
CA LEU A 969 50.89 2.08 -19.35
C LEU A 969 50.80 3.12 -18.26
N PRO A 970 51.94 3.70 -17.85
CA PRO A 970 51.89 4.83 -16.92
C PRO A 970 51.17 6.02 -17.54
N VAL A 971 50.56 6.83 -16.68
CA VAL A 971 49.85 8.02 -17.15
C VAL A 971 50.82 9.15 -17.49
N ASN A 972 52.06 9.09 -17.01
CA ASN A 972 53.06 10.10 -17.30
C ASN A 972 54.00 9.70 -18.44
N SER A 973 53.81 8.52 -19.03
CA SER A 973 54.70 8.03 -20.06
C SER A 973 54.32 8.64 -21.40
N ARG A 974 55.27 9.30 -22.05
CA ARG A 974 55.12 9.76 -23.42
C ARG A 974 55.53 8.62 -24.36
N ILE A 975 54.68 8.32 -25.33
CA ILE A 975 54.81 7.10 -26.14
C ILE A 975 55.06 7.46 -27.60
N ASN A 976 55.66 6.52 -28.32
CA ASN A 976 55.83 6.61 -29.76
C ASN A 976 54.71 5.81 -30.40
N LEU A 977 53.83 6.50 -31.13
CA LEU A 977 52.64 5.87 -31.70
C LEU A 977 52.80 5.73 -33.21
N GLU A 978 52.51 4.54 -33.72
CA GLU A 978 52.47 4.25 -35.14
C GLU A 978 51.04 3.95 -35.53
N LEU A 979 50.58 4.59 -36.61
CA LEU A 979 49.19 4.55 -37.04
C LEU A 979 49.13 4.24 -38.53
N SER A 980 48.26 3.31 -38.90
CA SER A 980 48.08 2.90 -40.29
C SER A 980 46.59 2.95 -40.62
N GLY A 981 46.26 3.60 -41.73
CA GLY A 981 44.88 3.71 -42.15
C GLY A 981 44.78 4.27 -43.54
N ASP A 982 43.56 4.33 -44.06
CA ASP A 982 43.35 4.83 -45.41
C ASP A 982 43.54 6.35 -45.45
N GLU A 983 43.32 6.94 -46.62
CA GLU A 983 43.71 8.32 -46.81
C GLU A 983 42.83 9.29 -46.04
N GLU A 984 41.55 8.95 -45.84
CA GLU A 984 40.68 9.83 -45.05
C GLU A 984 41.21 9.97 -43.62
N VAL A 985 41.59 8.84 -43.02
CA VAL A 985 42.16 8.89 -41.67
C VAL A 985 43.46 9.67 -41.67
N GLN A 986 44.33 9.44 -42.67
CA GLN A 986 45.61 10.13 -42.73
C GLN A 986 45.43 11.63 -42.82
N LYS A 987 44.55 12.09 -43.70
CA LYS A 987 44.32 13.53 -43.84
C LYS A 987 43.72 14.12 -42.58
N ALA A 988 42.80 13.39 -41.93
CA ALA A 988 42.22 13.88 -40.69
C ALA A 988 43.29 14.03 -39.62
N VAL A 989 44.15 13.01 -39.47
CA VAL A 989 45.23 13.06 -38.48
C VAL A 989 46.18 14.21 -38.77
N ALA A 990 46.53 14.41 -40.04
CA ALA A 990 47.45 15.49 -40.41
C ALA A 990 46.83 16.85 -40.10
N LYS A 991 45.59 17.08 -40.53
CA LYS A 991 44.96 18.38 -40.34
C LYS A 991 44.81 18.72 -38.87
N PHE A 992 44.44 17.75 -38.04
CA PHE A 992 44.23 17.97 -36.61
C PHE A 992 45.38 17.43 -35.78
N GLU A 993 46.60 17.56 -36.29
CA GLU A 993 47.78 17.10 -35.55
C GLU A 993 47.90 17.81 -34.21
N THR A 994 47.64 19.12 -34.19
CA THR A 994 47.70 19.87 -32.94
C THR A 994 46.73 19.29 -31.91
N LEU A 995 45.48 19.06 -32.31
CA LEU A 995 44.48 18.55 -31.37
C LEU A 995 44.89 17.17 -30.84
N LEU A 996 45.38 16.31 -31.72
CA LEU A 996 45.86 15.00 -31.28
C LEU A 996 46.97 15.15 -30.25
N GLN A 997 47.88 16.10 -30.45
CA GLN A 997 48.98 16.28 -29.51
C GLN A 997 48.50 16.88 -28.18
N GLU A 998 47.51 17.78 -28.21
CA GLU A 998 46.99 18.30 -26.94
C GLU A 998 46.27 17.20 -26.15
N ASN A 999 45.57 16.30 -26.83
CA ASN A 999 44.81 15.29 -26.14
C ASN A 999 45.55 13.97 -25.93
N LEU A 1000 46.73 13.81 -26.52
CA LEU A 1000 47.54 12.61 -26.34
C LEU A 1000 48.94 13.03 -25.94
N LEU A 1001 49.49 12.37 -24.92
CA LEU A 1001 50.84 12.69 -24.45
C LEU A 1001 51.85 11.90 -25.29
N LEU A 1002 52.03 12.36 -26.53
CA LEU A 1002 52.80 11.62 -27.52
C LEU A 1002 54.21 12.21 -27.64
N HIS A 1003 55.21 11.33 -27.60
CA HIS A 1003 56.57 11.73 -27.92
C HIS A 1003 56.79 11.76 -29.44
N SER A 1004 56.18 10.83 -30.17
CA SER A 1004 56.25 10.85 -31.62
C SER A 1004 54.98 10.19 -32.20
N LEU A 1005 54.58 10.69 -33.37
CA LEU A 1005 53.47 10.12 -34.14
C LEU A 1005 53.97 9.81 -35.54
N SER A 1006 53.85 8.55 -35.95
CA SER A 1006 54.28 8.12 -37.27
C SER A 1006 53.11 7.47 -37.99
N VAL A 1007 52.83 7.94 -39.21
CA VAL A 1007 51.80 7.37 -40.05
C VAL A 1007 52.48 6.47 -41.07
N LYS A 1008 52.25 5.16 -40.95
CA LYS A 1008 52.92 4.16 -41.76
C LYS A 1008 51.93 3.43 -42.64
N GLU A 1009 52.41 2.97 -43.81
CA GLU A 1009 51.56 2.25 -44.73
C GLU A 1009 51.15 0.90 -44.17
N THR A 1010 52.08 0.19 -43.53
CA THR A 1010 51.81 -1.12 -42.96
C THR A 1010 52.52 -1.23 -41.61
N ILE A 1011 51.83 -1.80 -40.63
CA ILE A 1011 52.35 -1.94 -39.28
C ILE A 1011 52.45 -3.43 -38.97
N LYS A 1012 53.65 -3.87 -38.58
CA LYS A 1012 53.86 -5.24 -38.12
C LYS A 1012 53.42 -5.39 -36.67
N ASN A 1013 52.75 -6.50 -36.37
CA ASN A 1013 52.28 -6.82 -35.03
C ASN A 1013 51.58 -5.63 -34.40
N GLY A 1014 50.55 -5.14 -35.10
CA GLY A 1014 49.79 -3.99 -34.68
C GLY A 1014 48.38 -4.38 -34.29
N GLU A 1015 47.77 -3.59 -33.40
CA GLU A 1015 46.41 -3.82 -32.97
C GLU A 1015 45.44 -3.16 -33.94
N THR A 1016 44.49 -3.94 -34.46
CA THR A 1016 43.47 -3.39 -35.34
C THR A 1016 42.31 -2.90 -34.48
N VAL A 1017 42.00 -1.61 -34.61
CA VAL A 1017 40.90 -0.98 -33.88
C VAL A 1017 39.91 -0.42 -34.90
N LYS A 1018 38.71 -0.15 -34.41
CA LYS A 1018 37.63 0.37 -35.25
C LYS A 1018 37.47 1.86 -34.97
N VAL A 1019 37.87 2.68 -35.93
CA VAL A 1019 37.66 4.13 -35.88
C VAL A 1019 36.50 4.42 -36.82
N GLY A 1020 35.33 4.70 -36.26
CA GLY A 1020 34.13 4.80 -37.09
C GLY A 1020 33.90 3.50 -37.84
N THR A 1021 33.60 3.61 -39.12
CA THR A 1021 33.43 2.44 -39.97
C THR A 1021 34.77 1.92 -40.51
N LYS A 1022 35.87 2.61 -40.22
CA LYS A 1022 37.17 2.24 -40.75
C LYS A 1022 37.94 1.41 -39.74
N GLN A 1023 38.90 0.65 -40.24
CA GLN A 1023 39.85 -0.07 -39.39
C GLN A 1023 41.20 0.62 -39.45
N VAL A 1024 41.84 0.75 -38.29
CA VAL A 1024 43.10 1.46 -38.16
C VAL A 1024 44.04 0.61 -37.31
N VAL A 1025 45.29 0.49 -37.73
CA VAL A 1025 46.28 -0.29 -37.01
C VAL A 1025 47.08 0.66 -36.13
N LEU A 1026 47.16 0.34 -34.84
CA LEU A 1026 47.92 1.14 -33.87
C LEU A 1026 49.06 0.31 -33.31
N ARG A 1027 50.12 0.99 -32.88
CA ARG A 1027 51.24 0.33 -32.24
C ARG A 1027 51.98 1.32 -31.35
N VAL A 1028 52.36 0.88 -30.14
CA VAL A 1028 53.13 1.66 -29.19
C VAL A 1028 54.52 1.04 -29.07
N LEU A 1029 55.55 1.90 -29.06
CA LEU A 1029 56.93 1.43 -29.12
C LEU A 1029 57.69 1.67 -27.82
N ASN A 1030 57.78 2.92 -27.37
CA ASN A 1030 58.61 3.29 -26.23
C ASN A 1030 57.76 3.57 -25.01
N GLN A 1031 58.32 3.27 -23.84
CA GLN A 1031 57.64 3.45 -22.56
C GLN A 1031 56.31 2.68 -22.52
N SER A 1032 56.31 1.49 -23.13
CA SER A 1032 55.12 0.66 -23.18
C SER A 1032 54.88 -0.04 -21.83
#